data_2KEL
#
_entry.id   2KEL
#
_entity_poly.entity_id   1
_entity_poly.type   'polypeptide(L)'
_entity_poly.pdbx_seq_one_letter_code
;MQTQEQSQKKKQKAVFGIYMDKDLKTRLKVYCAKNNLQLTQAIEEAIKEYLQKRNG
;
_entity_poly.pdbx_strand_id   A,B
#
# COMPACT_ATOMS: atom_id res chain seq x y z
N LYS A 11 -3.30 -13.48 8.52
CA LYS A 11 -3.14 -13.29 9.98
C LYS A 11 -1.67 -13.17 10.37
N GLN A 12 -0.78 -13.79 9.59
CA GLN A 12 0.65 -13.66 9.84
C GLN A 12 1.08 -12.25 9.52
N LYS A 13 1.68 -11.59 10.51
CA LYS A 13 1.91 -10.16 10.42
C LYS A 13 3.37 -9.83 10.19
N ALA A 14 3.59 -8.68 9.58
CA ALA A 14 4.91 -8.12 9.39
C ALA A 14 4.84 -6.62 9.55
N VAL A 15 5.99 -5.97 9.64
CA VAL A 15 6.02 -4.53 9.76
C VAL A 15 6.54 -3.94 8.47
N PHE A 16 6.29 -2.66 8.28
CA PHE A 16 6.72 -1.98 7.08
C PHE A 16 6.98 -0.51 7.37
N GLY A 17 8.19 -0.06 7.06
CA GLY A 17 8.55 1.33 7.32
C GLY A 17 9.16 1.97 6.10
N ILE A 18 8.34 2.69 5.34
CA ILE A 18 8.77 3.25 4.08
C ILE A 18 8.53 4.76 4.02
N TYR A 19 9.14 5.40 3.03
CA TYR A 19 8.94 6.81 2.79
C TYR A 19 8.09 7.03 1.54
N MET A 20 6.80 7.16 1.74
CA MET A 20 5.86 7.33 0.62
C MET A 20 5.37 8.78 0.57
N ASP A 21 4.82 9.19 -0.57
CA ASP A 21 4.37 10.57 -0.74
C ASP A 21 3.28 10.91 0.26
N LYS A 22 3.14 12.20 0.55
CA LYS A 22 2.21 12.66 1.55
C LYS A 22 0.80 12.64 1.00
N ASP A 23 0.57 13.45 -0.03
CA ASP A 23 -0.77 13.62 -0.62
C ASP A 23 -1.43 12.28 -0.92
N LEU A 24 -0.63 11.34 -1.41
CA LEU A 24 -1.11 10.02 -1.75
C LEU A 24 -1.47 9.22 -0.49
N LYS A 25 -0.53 9.10 0.44
CA LYS A 25 -0.77 8.37 1.68
C LYS A 25 -1.90 9.06 2.46
N THR A 26 -1.94 10.37 2.32
CA THR A 26 -2.88 11.20 3.05
C THR A 26 -4.28 11.12 2.44
N ARG A 27 -4.32 10.98 1.12
CA ARG A 27 -5.58 10.71 0.42
C ARG A 27 -6.21 9.45 0.99
N LEU A 28 -5.41 8.40 1.07
CA LEU A 28 -5.84 7.15 1.66
C LEU A 28 -6.20 7.35 3.15
N LYS A 29 -5.46 8.21 3.83
CA LYS A 29 -5.76 8.55 5.22
C LYS A 29 -7.17 9.11 5.32
N VAL A 30 -7.54 9.92 4.35
CA VAL A 30 -8.87 10.51 4.28
C VAL A 30 -9.90 9.45 3.91
N TYR A 31 -9.46 8.48 3.14
CA TYR A 31 -10.26 7.33 2.81
C TYR A 31 -10.55 6.53 4.08
N CYS A 32 -9.55 6.46 4.94
CA CYS A 32 -9.68 5.76 6.22
C CYS A 32 -10.52 6.57 7.19
N ALA A 33 -10.58 7.87 6.97
CA ALA A 33 -11.40 8.75 7.78
C ALA A 33 -12.85 8.65 7.33
N LYS A 34 -13.04 8.53 6.02
CA LYS A 34 -14.35 8.46 5.42
C LYS A 34 -15.04 7.13 5.71
N ASN A 35 -14.29 6.04 5.58
CA ASN A 35 -14.84 4.71 5.82
C ASN A 35 -14.57 4.28 7.25
N ASN A 36 -13.93 5.17 8.00
CA ASN A 36 -13.48 4.85 9.37
C ASN A 36 -12.59 3.62 9.39
N LEU A 37 -11.94 3.35 8.25
CA LEU A 37 -11.03 2.22 8.11
C LEU A 37 -9.74 2.47 8.86
N GLN A 38 -8.96 1.41 9.01
CA GLN A 38 -7.63 1.52 9.55
C GLN A 38 -6.65 1.80 8.43
N LEU A 39 -5.74 2.73 8.65
CA LEU A 39 -4.71 3.06 7.67
C LEU A 39 -4.08 1.79 7.09
N THR A 40 -3.64 0.91 7.98
CA THR A 40 -3.00 -0.33 7.57
C THR A 40 -3.93 -1.19 6.73
N GLN A 41 -5.16 -1.38 7.22
CA GLN A 41 -6.15 -2.18 6.52
C GLN A 41 -6.36 -1.68 5.11
N ALA A 42 -6.34 -0.35 4.95
CA ALA A 42 -6.51 0.27 3.64
C ALA A 42 -5.31 0.03 2.75
N ILE A 43 -4.10 0.18 3.30
CA ILE A 43 -2.89 -0.12 2.55
C ILE A 43 -2.91 -1.57 2.06
N GLU A 44 -3.26 -2.47 2.95
CA GLU A 44 -3.29 -3.89 2.65
C GLU A 44 -4.31 -4.18 1.56
N GLU A 45 -5.49 -3.57 1.66
CA GLU A 45 -6.50 -3.69 0.61
C GLU A 45 -5.98 -3.09 -0.68
N ALA A 46 -5.28 -1.98 -0.56
CA ALA A 46 -4.72 -1.29 -1.71
C ALA A 46 -3.71 -2.17 -2.42
N ILE A 47 -2.73 -2.63 -1.66
CA ILE A 47 -1.65 -3.42 -2.20
C ILE A 47 -2.15 -4.81 -2.62
N LYS A 48 -3.22 -5.27 -1.99
CA LYS A 48 -3.82 -6.56 -2.33
C LYS A 48 -4.48 -6.49 -3.70
N GLU A 49 -5.38 -5.53 -3.86
CA GLU A 49 -6.13 -5.38 -5.11
C GLU A 49 -5.22 -4.87 -6.22
N TYR A 50 -4.02 -4.46 -5.84
CA TYR A 50 -3.04 -3.98 -6.78
C TYR A 50 -2.35 -5.14 -7.45
N LEU A 51 -1.94 -6.12 -6.66
CA LEU A 51 -1.30 -7.31 -7.19
C LEU A 51 -2.23 -8.08 -8.12
N GLN A 52 -3.49 -8.17 -7.76
CA GLN A 52 -4.45 -8.93 -8.57
C GLN A 52 -4.84 -8.15 -9.81
N LYS A 53 -4.80 -6.83 -9.72
CA LYS A 53 -5.10 -5.98 -10.86
C LYS A 53 -3.91 -5.94 -11.80
N ARG A 54 -2.77 -6.36 -11.29
CA ARG A 54 -1.54 -6.29 -12.04
C ARG A 54 -1.12 -7.68 -12.52
N ASN A 55 -0.65 -8.49 -11.58
CA ASN A 55 -0.13 -9.83 -11.90
C ASN A 55 0.38 -10.54 -10.64
N GLY A 56 1.37 -9.97 -9.98
CA GLY A 56 1.95 -10.61 -8.81
C GLY A 56 3.35 -11.11 -9.08
N LYS B 11 6.30 14.36 -4.72
CA LYS B 11 7.69 14.56 -4.24
C LYS B 11 7.72 14.83 -2.73
N GLN B 12 6.63 15.39 -2.19
CA GLN B 12 6.56 15.61 -0.76
C GLN B 12 6.42 14.27 -0.05
N LYS B 13 7.34 14.00 0.85
CA LYS B 13 7.47 12.65 1.40
C LYS B 13 6.96 12.56 2.83
N ALA B 14 6.54 11.36 3.19
CA ALA B 14 6.15 11.05 4.55
C ALA B 14 6.60 9.64 4.88
N VAL B 15 6.53 9.27 6.13
CA VAL B 15 6.92 7.93 6.54
C VAL B 15 5.68 7.14 6.93
N PHE B 16 5.80 5.84 6.96
CA PHE B 16 4.68 4.99 7.30
C PHE B 16 5.18 3.71 7.96
N GLY B 17 4.69 3.43 9.15
CA GLY B 17 5.11 2.25 9.88
C GLY B 17 3.92 1.45 10.38
N ILE B 18 3.52 0.45 9.62
CA ILE B 18 2.32 -0.32 9.92
C ILE B 18 2.61 -1.82 10.03
N TYR B 19 1.66 -2.54 10.59
CA TYR B 19 1.74 -3.98 10.70
C TYR B 19 0.79 -4.64 9.70
N MET B 20 1.32 -4.97 8.53
CA MET B 20 0.53 -5.57 7.46
C MET B 20 0.87 -7.06 7.34
N ASP B 21 0.00 -7.84 6.70
CA ASP B 21 0.22 -9.28 6.57
C ASP B 21 1.50 -9.57 5.80
N LYS B 22 2.05 -10.75 6.04
CA LYS B 22 3.31 -11.13 5.45
C LYS B 22 3.12 -11.52 4.01
N ASP B 23 2.36 -12.57 3.77
CA ASP B 23 2.17 -13.13 2.44
C ASP B 23 1.79 -12.07 1.42
N LEU B 24 0.94 -11.14 1.85
CA LEU B 24 0.48 -10.05 1.02
C LEU B 24 1.61 -9.06 0.73
N LYS B 25 2.24 -8.54 1.78
CA LYS B 25 3.35 -7.60 1.62
C LYS B 25 4.48 -8.27 0.88
N THR B 26 4.62 -9.56 1.11
CA THR B 26 5.70 -10.35 0.55
C THR B 26 5.44 -10.70 -0.91
N ARG B 27 4.17 -10.89 -1.24
CA ARG B 27 3.76 -11.05 -2.63
C ARG B 27 4.21 -9.83 -3.43
N LEU B 28 3.90 -8.66 -2.89
CA LEU B 28 4.33 -7.41 -3.49
C LEU B 28 5.86 -7.31 -3.50
N LYS B 29 6.49 -7.82 -2.45
CA LYS B 29 7.95 -7.87 -2.40
C LYS B 29 8.50 -8.65 -3.58
N VAL B 30 7.82 -9.73 -3.93
CA VAL B 30 8.19 -10.55 -5.07
C VAL B 30 7.89 -9.82 -6.37
N TYR B 31 6.86 -9.01 -6.33
CA TYR B 31 6.52 -8.15 -7.44
C TYR B 31 7.65 -7.14 -7.66
N CYS B 32 8.21 -6.66 -6.55
CA CYS B 32 9.32 -5.73 -6.60
C CYS B 32 10.61 -6.43 -7.02
N ALA B 33 10.65 -7.72 -6.81
CA ALA B 33 11.79 -8.52 -7.21
C ALA B 33 11.71 -8.82 -8.71
N LYS B 34 10.47 -9.04 -9.16
CA LYS B 34 10.21 -9.38 -10.55
C LYS B 34 10.39 -8.18 -11.46
N ASN B 35 9.88 -7.04 -11.04
CA ASN B 35 10.00 -5.82 -11.84
C ASN B 35 11.20 -5.01 -11.41
N ASN B 36 11.94 -5.55 -10.44
CA ASN B 36 13.07 -4.84 -9.83
C ASN B 36 12.63 -3.49 -9.27
N LEU B 37 11.35 -3.38 -8.95
CA LEU B 37 10.78 -2.16 -8.37
C LEU B 37 11.22 -1.97 -6.93
N GLN B 38 10.98 -0.77 -6.42
CA GLN B 38 11.18 -0.49 -5.02
C GLN B 38 9.94 -0.83 -4.24
N LEU B 39 10.10 -1.51 -3.12
CA LEU B 39 8.97 -1.85 -2.24
C LEU B 39 8.03 -0.66 -2.06
N THR B 40 8.61 0.47 -1.68
CA THR B 40 7.83 1.68 -1.45
C THR B 40 7.09 2.12 -2.70
N GLN B 41 7.82 2.17 -3.82
CA GLN B 41 7.24 2.59 -5.09
C GLN B 41 6.03 1.72 -5.45
N ALA B 42 6.13 0.43 -5.14
CA ALA B 42 5.06 -0.52 -5.41
C ALA B 42 3.86 -0.27 -4.50
N ILE B 43 4.12 -0.05 -3.21
CA ILE B 43 3.05 0.30 -2.27
C ILE B 43 2.32 1.55 -2.73
N GLU B 44 3.09 2.55 -3.11
CA GLU B 44 2.54 3.82 -3.55
C GLU B 44 1.70 3.65 -4.80
N GLU B 45 2.19 2.86 -5.75
CA GLU B 45 1.42 2.54 -6.94
C GLU B 45 0.17 1.75 -6.55
N ALA B 46 0.33 0.86 -5.59
CA ALA B 46 -0.76 0.03 -5.12
C ALA B 46 -1.85 0.89 -4.51
N ILE B 47 -1.46 1.70 -3.55
CA ILE B 47 -2.38 2.53 -2.82
C ILE B 47 -2.94 3.65 -3.70
N LYS B 48 -2.16 4.04 -4.71
CA LYS B 48 -2.58 5.07 -5.66
C LYS B 48 -3.71 4.54 -6.54
N GLU B 49 -3.47 3.42 -7.20
CA GLU B 49 -4.44 2.84 -8.11
C GLU B 49 -5.62 2.26 -7.34
N TYR B 50 -5.47 2.19 -6.03
CA TYR B 50 -6.51 1.70 -5.17
C TYR B 50 -7.54 2.78 -4.92
N LEU B 51 -7.07 3.98 -4.61
CA LEU B 51 -7.97 5.11 -4.39
C LEU B 51 -8.76 5.43 -5.63
N GLN B 52 -8.14 5.35 -6.79
CA GLN B 52 -8.82 5.70 -8.04
C GLN B 52 -9.77 4.59 -8.47
N LYS B 53 -9.42 3.37 -8.09
CA LYS B 53 -10.27 2.22 -8.39
C LYS B 53 -11.45 2.19 -7.43
N ARG B 54 -11.33 2.93 -6.36
CA ARG B 54 -12.33 2.92 -5.32
C ARG B 54 -13.14 4.20 -5.35
N ASN B 55 -12.52 5.30 -4.91
CA ASN B 55 -13.20 6.60 -4.79
C ASN B 55 -12.26 7.67 -4.25
N GLY B 56 -11.77 7.48 -3.03
CA GLY B 56 -10.92 8.48 -2.40
C GLY B 56 -11.61 9.16 -1.24
N LYS A 11 -4.11 -13.67 10.57
CA LYS A 11 -3.27 -12.46 10.51
C LYS A 11 -1.81 -12.80 10.81
N GLN A 12 -1.10 -13.31 9.80
CA GLN A 12 0.34 -13.46 9.90
C GLN A 12 0.97 -12.12 9.57
N LYS A 13 1.67 -11.55 10.52
CA LYS A 13 1.98 -10.13 10.45
C LYS A 13 3.46 -9.87 10.21
N ALA A 14 3.70 -8.76 9.53
CA ALA A 14 5.03 -8.22 9.35
C ALA A 14 4.96 -6.71 9.48
N VAL A 15 6.10 -6.08 9.61
CA VAL A 15 6.14 -4.63 9.74
C VAL A 15 6.61 -4.02 8.43
N PHE A 16 6.33 -2.74 8.26
CA PHE A 16 6.72 -2.04 7.07
C PHE A 16 6.95 -0.59 7.38
N GLY A 17 8.15 -0.11 7.09
CA GLY A 17 8.51 1.27 7.38
C GLY A 17 9.12 1.95 6.18
N ILE A 18 8.31 2.65 5.41
CA ILE A 18 8.76 3.24 4.16
C ILE A 18 8.50 4.73 4.13
N TYR A 19 9.01 5.38 3.09
CA TYR A 19 8.82 6.80 2.90
C TYR A 19 8.02 7.05 1.62
N MET A 20 6.73 7.26 1.79
CA MET A 20 5.81 7.42 0.66
C MET A 20 5.31 8.86 0.58
N ASP A 21 4.74 9.25 -0.56
CA ASP A 21 4.28 10.63 -0.74
C ASP A 21 3.17 10.97 0.23
N LYS A 22 3.02 12.26 0.51
CA LYS A 22 2.02 12.73 1.43
C LYS A 22 0.65 12.66 0.83
N ASP A 23 0.42 13.49 -0.20
CA ASP A 23 -0.91 13.62 -0.83
C ASP A 23 -1.52 12.26 -1.15
N LEU A 24 -0.67 11.30 -1.46
CA LEU A 24 -1.11 9.96 -1.80
C LEU A 24 -1.47 9.17 -0.54
N LYS A 25 -0.54 9.08 0.41
CA LYS A 25 -0.79 8.38 1.67
C LYS A 25 -1.93 9.08 2.43
N THR A 26 -1.97 10.39 2.26
CA THR A 26 -2.92 11.24 2.94
C THR A 26 -4.29 11.14 2.29
N ARG A 27 -4.28 10.95 0.98
CA ARG A 27 -5.49 10.65 0.22
C ARG A 27 -6.17 9.45 0.84
N LEU A 28 -5.40 8.38 0.98
CA LEU A 28 -5.86 7.16 1.62
C LEU A 28 -6.23 7.41 3.08
N LYS A 29 -5.49 8.28 3.77
CA LYS A 29 -5.82 8.64 5.15
C LYS A 29 -7.24 9.17 5.23
N VAL A 30 -7.61 10.00 4.28
CA VAL A 30 -8.94 10.56 4.21
C VAL A 30 -9.96 9.49 3.90
N TYR A 31 -9.53 8.52 3.13
CA TYR A 31 -10.35 7.36 2.83
C TYR A 31 -10.62 6.57 4.10
N CYS A 32 -9.59 6.48 4.95
CA CYS A 32 -9.70 5.78 6.22
C CYS A 32 -10.50 6.58 7.23
N ALA A 33 -10.51 7.89 7.07
CA ALA A 33 -11.25 8.76 7.96
C ALA A 33 -12.72 8.76 7.59
N LYS A 34 -12.98 8.71 6.29
CA LYS A 34 -14.34 8.77 5.77
C LYS A 34 -15.05 7.43 5.92
N ASN A 35 -14.33 6.34 5.70
CA ASN A 35 -14.92 5.01 5.84
C ASN A 35 -14.67 4.45 7.23
N ASN A 36 -13.98 5.26 8.05
CA ASN A 36 -13.55 4.83 9.38
C ASN A 36 -12.68 3.58 9.30
N LEU A 37 -12.05 3.39 8.14
CA LEU A 37 -11.17 2.24 7.91
C LEU A 37 -9.85 2.42 8.64
N GLN A 38 -9.11 1.34 8.75
CA GLN A 38 -7.79 1.38 9.35
C GLN A 38 -6.76 1.68 8.27
N LEU A 39 -5.86 2.61 8.55
CA LEU A 39 -4.79 2.97 7.63
C LEU A 39 -4.09 1.71 7.09
N THR A 40 -3.69 0.84 8.01
CA THR A 40 -3.00 -0.39 7.64
C THR A 40 -3.89 -1.28 6.78
N GLN A 41 -5.12 -1.48 7.23
CA GLN A 41 -6.08 -2.29 6.49
C GLN A 41 -6.23 -1.77 5.06
N ALA A 42 -6.25 -0.46 4.92
CA ALA A 42 -6.40 0.18 3.63
C ALA A 42 -5.20 -0.08 2.75
N ILE A 43 -4.00 0.06 3.32
CA ILE A 43 -2.77 -0.26 2.60
C ILE A 43 -2.78 -1.71 2.13
N GLU A 44 -3.14 -2.60 3.04
CA GLU A 44 -3.18 -4.03 2.73
C GLU A 44 -4.18 -4.32 1.63
N GLU A 45 -5.35 -3.72 1.72
CA GLU A 45 -6.36 -3.85 0.67
C GLU A 45 -5.84 -3.21 -0.61
N ALA A 46 -5.13 -2.10 -0.46
CA ALA A 46 -4.57 -1.37 -1.59
C ALA A 46 -3.58 -2.23 -2.33
N ILE A 47 -2.60 -2.73 -1.60
CA ILE A 47 -1.53 -3.51 -2.16
C ILE A 47 -2.05 -4.88 -2.61
N LYS A 48 -3.15 -5.33 -2.00
CA LYS A 48 -3.77 -6.58 -2.38
C LYS A 48 -4.39 -6.46 -3.77
N GLU A 49 -5.34 -5.54 -3.92
CA GLU A 49 -5.99 -5.33 -5.20
C GLU A 49 -5.00 -4.87 -6.26
N TYR A 50 -3.86 -4.40 -5.82
CA TYR A 50 -2.84 -3.92 -6.71
C TYR A 50 -2.15 -5.10 -7.39
N LEU A 51 -1.78 -6.11 -6.61
CA LEU A 51 -1.19 -7.32 -7.17
C LEU A 51 -2.18 -8.02 -8.08
N GLN A 52 -3.45 -8.03 -7.69
CA GLN A 52 -4.46 -8.72 -8.48
C GLN A 52 -4.83 -7.94 -9.74
N LYS A 53 -4.71 -6.61 -9.66
CA LYS A 53 -4.98 -5.78 -10.81
C LYS A 53 -3.80 -5.77 -11.75
N ARG A 54 -2.65 -6.15 -11.21
CA ARG A 54 -1.41 -6.10 -11.97
C ARG A 54 -1.07 -7.50 -12.48
N ASN A 55 -0.69 -8.37 -11.56
CA ASN A 55 -0.30 -9.75 -11.89
C ASN A 55 0.11 -10.51 -10.63
N GLY A 56 1.10 -10.00 -9.92
CA GLY A 56 1.59 -10.66 -8.73
C GLY A 56 2.58 -11.75 -9.05
N LYS B 11 8.50 14.73 -5.06
CA LYS B 11 8.43 13.73 -3.98
C LYS B 11 8.30 14.40 -2.62
N GLN B 12 7.07 14.78 -2.26
CA GLN B 12 6.77 15.23 -0.92
C GLN B 12 6.56 14.00 -0.06
N LYS B 13 7.38 13.82 0.94
CA LYS B 13 7.51 12.51 1.55
C LYS B 13 6.97 12.48 2.97
N ALA B 14 6.46 11.31 3.33
CA ALA B 14 6.05 10.99 4.68
C ALA B 14 6.47 9.58 5.01
N VAL B 15 6.43 9.23 6.27
CA VAL B 15 6.83 7.90 6.68
C VAL B 15 5.59 7.09 7.00
N PHE B 16 5.73 5.78 7.02
CA PHE B 16 4.63 4.89 7.31
C PHE B 16 5.16 3.62 7.95
N GLY B 17 4.67 3.34 9.14
CA GLY B 17 5.11 2.16 9.86
C GLY B 17 3.95 1.35 10.37
N ILE B 18 3.55 0.34 9.60
CA ILE B 18 2.37 -0.43 9.92
C ILE B 18 2.68 -1.92 10.03
N TYR B 19 1.69 -2.68 10.46
CA TYR B 19 1.83 -4.13 10.58
C TYR B 19 0.87 -4.83 9.62
N MET B 20 1.39 -5.23 8.48
CA MET B 20 0.58 -5.83 7.42
C MET B 20 0.91 -7.32 7.29
N ASP B 21 0.04 -8.08 6.61
CA ASP B 21 0.25 -9.51 6.46
C ASP B 21 1.51 -9.82 5.68
N LYS B 22 2.06 -11.01 5.92
CA LYS B 22 3.29 -11.41 5.28
C LYS B 22 3.03 -11.77 3.83
N ASP B 23 2.28 -12.84 3.60
CA ASP B 23 2.04 -13.38 2.25
C ASP B 23 1.63 -12.28 1.27
N LEU B 24 0.95 -11.27 1.78
CA LEU B 24 0.48 -10.16 0.98
C LEU B 24 1.63 -9.17 0.71
N LYS B 25 2.27 -8.68 1.76
CA LYS B 25 3.40 -7.76 1.60
C LYS B 25 4.52 -8.46 0.85
N THR B 26 4.63 -9.75 1.10
CA THR B 26 5.69 -10.57 0.53
C THR B 26 5.38 -10.91 -0.93
N ARG B 27 4.11 -11.04 -1.22
CA ARG B 27 3.64 -11.17 -2.60
C ARG B 27 4.17 -10.00 -3.42
N LEU B 28 3.90 -8.81 -2.92
CA LEU B 28 4.39 -7.58 -3.50
C LEU B 28 5.93 -7.53 -3.50
N LYS B 29 6.55 -8.05 -2.44
CA LYS B 29 8.02 -8.13 -2.38
C LYS B 29 8.55 -8.88 -3.60
N VAL B 30 7.89 -9.98 -3.93
CA VAL B 30 8.27 -10.79 -5.08
C VAL B 30 8.04 -10.02 -6.37
N TYR B 31 7.02 -9.20 -6.36
CA TYR B 31 6.71 -8.33 -7.47
C TYR B 31 7.84 -7.32 -7.65
N CYS B 32 8.37 -6.84 -6.53
CA CYS B 32 9.46 -5.88 -6.55
C CYS B 32 10.78 -6.56 -6.90
N ALA B 33 10.87 -7.84 -6.62
CA ALA B 33 12.08 -8.59 -6.93
C ALA B 33 12.10 -8.96 -8.41
N LYS B 34 10.92 -9.28 -8.93
CA LYS B 34 10.79 -9.72 -10.31
C LYS B 34 10.85 -8.55 -11.28
N ASN B 35 10.25 -7.42 -10.91
CA ASN B 35 10.28 -6.25 -11.76
C ASN B 35 11.43 -5.34 -11.37
N ASN B 36 12.19 -5.76 -10.36
CA ASN B 36 13.27 -4.95 -9.78
C ASN B 36 12.73 -3.61 -9.27
N LEU B 37 11.43 -3.60 -8.97
CA LEU B 37 10.78 -2.40 -8.45
C LEU B 37 11.17 -2.13 -7.00
N GLN B 38 10.87 -0.93 -6.54
CA GLN B 38 11.11 -0.57 -5.16
C GLN B 38 9.89 -0.93 -4.33
N LEU B 39 10.11 -1.58 -3.19
CA LEU B 39 9.03 -1.93 -2.28
C LEU B 39 8.10 -0.73 -2.04
N THR B 40 8.70 0.39 -1.67
CA THR B 40 7.95 1.61 -1.39
C THR B 40 7.19 2.08 -2.62
N GLN B 41 7.89 2.15 -3.75
CA GLN B 41 7.28 2.55 -5.01
C GLN B 41 6.06 1.69 -5.32
N ALA B 42 6.18 0.40 -5.05
CA ALA B 42 5.12 -0.55 -5.30
C ALA B 42 3.93 -0.28 -4.39
N ILE B 43 4.19 -0.04 -3.12
CA ILE B 43 3.12 0.31 -2.17
C ILE B 43 2.42 1.57 -2.63
N GLU B 44 3.19 2.57 -3.00
CA GLU B 44 2.65 3.85 -3.44
C GLU B 44 1.81 3.67 -4.70
N GLU B 45 2.30 2.90 -5.64
CA GLU B 45 1.52 2.57 -6.84
C GLU B 45 0.30 1.76 -6.45
N ALA B 46 0.47 0.87 -5.48
CA ALA B 46 -0.60 0.01 -5.01
C ALA B 46 -1.72 0.84 -4.43
N ILE B 47 -1.36 1.68 -3.47
CA ILE B 47 -2.31 2.49 -2.76
C ILE B 47 -2.87 3.59 -3.67
N LYS B 48 -2.10 3.95 -4.70
CA LYS B 48 -2.54 4.93 -5.68
C LYS B 48 -3.68 4.38 -6.52
N GLU B 49 -3.41 3.27 -7.21
CA GLU B 49 -4.41 2.64 -8.04
C GLU B 49 -5.57 2.14 -7.21
N TYR B 50 -5.36 2.02 -5.92
CA TYR B 50 -6.38 1.54 -5.02
C TYR B 50 -7.42 2.62 -4.80
N LEU B 51 -6.97 3.84 -4.54
CA LEU B 51 -7.86 4.96 -4.38
C LEU B 51 -8.62 5.23 -5.67
N GLN B 52 -7.93 5.09 -6.80
CA GLN B 52 -8.55 5.37 -8.09
C GLN B 52 -9.49 4.24 -8.51
N LYS B 53 -9.21 3.04 -8.07
CA LYS B 53 -10.08 1.89 -8.35
C LYS B 53 -11.26 1.90 -7.41
N ARG B 54 -11.13 2.61 -6.31
CA ARG B 54 -12.13 2.61 -5.28
C ARG B 54 -12.98 3.88 -5.40
N ASN B 55 -12.38 5.02 -5.05
CA ASN B 55 -13.05 6.31 -5.09
C ASN B 55 -12.09 7.42 -4.63
N GLY B 56 -11.58 7.29 -3.42
CA GLY B 56 -10.69 8.29 -2.87
C GLY B 56 -11.44 9.45 -2.26
N LYS A 11 -2.98 -13.89 7.97
CA LYS A 11 -3.18 -13.69 9.42
C LYS A 11 -1.84 -13.56 10.15
N GLN A 12 -0.74 -13.66 9.41
CA GLN A 12 0.56 -13.38 9.99
C GLN A 12 0.88 -11.92 9.74
N LYS A 13 1.55 -11.29 10.67
CA LYS A 13 1.76 -9.86 10.57
C LYS A 13 3.24 -9.51 10.54
N ALA A 14 3.58 -8.63 9.61
CA ALA A 14 4.92 -8.13 9.45
C ALA A 14 4.90 -6.62 9.60
N VAL A 15 6.06 -6.01 9.63
CA VAL A 15 6.13 -4.56 9.75
C VAL A 15 6.65 -3.99 8.45
N PHE A 16 6.37 -2.72 8.22
CA PHE A 16 6.77 -2.07 7.00
C PHE A 16 6.97 -0.58 7.26
N GLY A 17 8.21 -0.13 7.05
CA GLY A 17 8.52 1.27 7.29
C GLY A 17 9.14 1.90 6.06
N ILE A 18 8.32 2.58 5.28
CA ILE A 18 8.77 3.14 4.01
C ILE A 18 8.53 4.63 3.94
N TYR A 19 9.16 5.26 2.95
CA TYR A 19 8.95 6.68 2.70
C TYR A 19 8.09 6.88 1.45
N MET A 20 6.81 7.04 1.66
CA MET A 20 5.86 7.21 0.57
C MET A 20 5.38 8.66 0.51
N ASP A 21 4.85 9.08 -0.64
CA ASP A 21 4.37 10.45 -0.79
C ASP A 21 3.30 10.78 0.24
N LYS A 22 3.16 12.05 0.54
CA LYS A 22 2.21 12.50 1.54
C LYS A 22 0.82 12.53 0.96
N ASP A 23 0.65 13.36 -0.07
CA ASP A 23 -0.65 13.58 -0.71
C ASP A 23 -1.37 12.27 -1.00
N LEU A 24 -0.62 11.26 -1.39
CA LEU A 24 -1.15 9.96 -1.74
C LEU A 24 -1.51 9.17 -0.47
N LYS A 25 -0.56 9.03 0.45
CA LYS A 25 -0.83 8.35 1.72
C LYS A 25 -1.94 9.07 2.47
N THR A 26 -1.97 10.37 2.30
CA THR A 26 -2.93 11.25 2.95
C THR A 26 -4.30 11.13 2.29
N ARG A 27 -4.30 10.92 0.99
CA ARG A 27 -5.52 10.63 0.25
C ARG A 27 -6.19 9.39 0.83
N LEU A 28 -5.40 8.34 0.98
CA LEU A 28 -5.86 7.10 1.62
C LEU A 28 -6.25 7.36 3.08
N LYS A 29 -5.54 8.26 3.74
CA LYS A 29 -5.89 8.65 5.11
C LYS A 29 -7.32 9.18 5.16
N VAL A 30 -7.67 9.95 4.14
CA VAL A 30 -9.02 10.49 4.03
C VAL A 30 -10.02 9.38 3.77
N TYR A 31 -9.57 8.37 3.06
CA TYR A 31 -10.37 7.20 2.80
C TYR A 31 -10.62 6.45 4.10
N CYS A 32 -9.60 6.41 4.96
CA CYS A 32 -9.71 5.75 6.24
C CYS A 32 -10.54 6.57 7.22
N ALA A 33 -10.62 7.86 6.96
CA ALA A 33 -11.44 8.74 7.78
C ALA A 33 -12.90 8.66 7.35
N LYS A 34 -13.09 8.54 6.04
CA LYS A 34 -14.42 8.49 5.46
C LYS A 34 -15.11 7.16 5.77
N ASN A 35 -14.37 6.08 5.64
CA ASN A 35 -14.92 4.77 5.90
C ASN A 35 -14.64 4.34 7.32
N ASN A 36 -13.98 5.23 8.06
CA ASN A 36 -13.52 4.92 9.42
C ASN A 36 -12.63 3.66 9.43
N LEU A 37 -12.01 3.38 8.30
CA LEU A 37 -11.12 2.23 8.14
C LEU A 37 -9.79 2.46 8.84
N GLN A 38 -9.04 1.39 9.00
CA GLN A 38 -7.70 1.47 9.54
C GLN A 38 -6.72 1.78 8.42
N LEU A 39 -5.81 2.72 8.67
CA LEU A 39 -4.79 3.09 7.69
C LEU A 39 -4.10 1.85 7.13
N THR A 40 -3.66 0.97 8.02
CA THR A 40 -2.96 -0.24 7.64
C THR A 40 -3.86 -1.15 6.82
N GLN A 41 -5.07 -1.39 7.31
CA GLN A 41 -6.04 -2.23 6.61
C GLN A 41 -6.22 -1.74 5.18
N ALA A 42 -6.27 -0.43 5.03
CA ALA A 42 -6.46 0.18 3.72
C ALA A 42 -5.27 -0.07 2.82
N ILE A 43 -4.06 0.11 3.35
CA ILE A 43 -2.85 -0.18 2.60
C ILE A 43 -2.84 -1.61 2.14
N GLU A 44 -3.16 -2.52 3.05
CA GLU A 44 -3.14 -3.95 2.76
C GLU A 44 -4.13 -4.30 1.66
N GLU A 45 -5.33 -3.76 1.76
CA GLU A 45 -6.34 -3.97 0.73
C GLU A 45 -5.92 -3.26 -0.56
N ALA A 46 -5.20 -2.16 -0.40
CA ALA A 46 -4.68 -1.42 -1.54
C ALA A 46 -3.68 -2.25 -2.30
N ILE A 47 -2.65 -2.66 -1.59
CA ILE A 47 -1.57 -3.44 -2.16
C ILE A 47 -2.07 -4.79 -2.65
N LYS A 48 -3.10 -5.31 -2.00
CA LYS A 48 -3.69 -6.58 -2.39
C LYS A 48 -4.37 -6.47 -3.75
N GLU A 49 -5.32 -5.55 -3.87
CA GLU A 49 -6.06 -5.38 -5.11
C GLU A 49 -5.17 -4.81 -6.20
N TYR A 50 -3.98 -4.36 -5.80
CA TYR A 50 -3.00 -3.87 -6.73
C TYR A 50 -2.32 -5.02 -7.45
N LEU A 51 -1.92 -6.03 -6.68
CA LEU A 51 -1.32 -7.22 -7.27
C LEU A 51 -2.29 -7.94 -8.18
N GLN A 52 -3.54 -7.96 -7.80
CA GLN A 52 -4.56 -8.66 -8.58
C GLN A 52 -4.93 -7.85 -9.83
N LYS A 53 -4.78 -6.54 -9.72
CA LYS A 53 -5.02 -5.62 -10.84
C LYS A 53 -3.84 -5.67 -11.80
N ARG A 54 -2.72 -6.15 -11.31
CA ARG A 54 -1.48 -6.10 -12.05
C ARG A 54 -1.07 -7.48 -12.55
N ASN A 55 -0.64 -8.33 -11.61
CA ASN A 55 -0.16 -9.68 -11.91
C ASN A 55 0.31 -10.39 -10.64
N GLY A 56 1.34 -9.84 -9.99
CA GLY A 56 1.86 -10.43 -8.78
C GLY A 56 3.17 -11.15 -9.01
N LYS B 11 5.54 14.56 -4.75
CA LYS B 11 7.02 14.68 -4.64
C LYS B 11 7.44 14.98 -3.20
N GLN B 12 6.48 15.11 -2.30
CA GLN B 12 6.80 15.23 -0.89
C GLN B 12 6.77 13.84 -0.28
N LYS B 13 7.62 13.60 0.68
CA LYS B 13 7.77 12.25 1.18
C LYS B 13 7.49 12.18 2.68
N ALA B 14 6.70 11.20 3.05
CA ALA B 14 6.34 10.95 4.43
C ALA B 14 6.78 9.55 4.79
N VAL B 15 6.68 9.20 6.06
CA VAL B 15 7.05 7.86 6.49
C VAL B 15 5.81 7.10 6.89
N PHE B 16 5.90 5.79 6.89
CA PHE B 16 4.77 4.96 7.22
C PHE B 16 5.26 3.66 7.82
N GLY B 17 4.87 3.41 9.07
CA GLY B 17 5.29 2.20 9.74
C GLY B 17 4.11 1.42 10.27
N ILE B 18 3.68 0.43 9.51
CA ILE B 18 2.48 -0.32 9.85
C ILE B 18 2.75 -1.81 9.96
N TYR B 19 1.79 -2.52 10.54
CA TYR B 19 1.87 -3.97 10.64
C TYR B 19 0.91 -4.62 9.65
N MET B 20 1.43 -4.97 8.50
CA MET B 20 0.62 -5.57 7.44
C MET B 20 0.94 -7.05 7.31
N ASP B 21 0.05 -7.83 6.71
CA ASP B 21 0.27 -9.26 6.55
C ASP B 21 1.56 -9.54 5.78
N LYS B 22 2.11 -10.72 6.00
CA LYS B 22 3.36 -11.08 5.38
C LYS B 22 3.12 -11.52 3.95
N ASP B 23 2.34 -12.59 3.80
CA ASP B 23 2.05 -13.20 2.51
C ASP B 23 1.69 -12.16 1.44
N LEU B 24 0.95 -11.15 1.87
CA LEU B 24 0.49 -10.09 0.99
C LEU B 24 1.63 -9.11 0.67
N LYS B 25 2.28 -8.57 1.70
CA LYS B 25 3.40 -7.67 1.51
C LYS B 25 4.51 -8.39 0.75
N THR B 26 4.60 -9.68 1.00
CA THR B 26 5.60 -10.55 0.40
C THR B 26 5.24 -10.85 -1.05
N ARG B 27 3.96 -10.97 -1.33
CA ARG B 27 3.47 -11.10 -2.68
C ARG B 27 3.93 -9.91 -3.53
N LEU B 28 3.71 -8.72 -3.00
CA LEU B 28 4.18 -7.49 -3.60
C LEU B 28 5.71 -7.46 -3.68
N LYS B 29 6.36 -8.02 -2.67
CA LYS B 29 7.82 -8.14 -2.66
C LYS B 29 8.29 -8.91 -3.90
N VAL B 30 7.55 -9.95 -4.24
CA VAL B 30 7.83 -10.75 -5.42
C VAL B 30 7.59 -9.95 -6.68
N TYR B 31 6.61 -9.07 -6.61
CA TYR B 31 6.31 -8.17 -7.70
C TYR B 31 7.47 -7.19 -7.89
N CYS B 32 8.05 -6.76 -6.79
CA CYS B 32 9.18 -5.84 -6.82
C CYS B 32 10.44 -6.56 -7.25
N ALA B 33 10.48 -7.86 -7.07
CA ALA B 33 11.60 -8.66 -7.50
C ALA B 33 11.49 -8.95 -8.99
N LYS B 34 10.27 -9.21 -9.42
CA LYS B 34 9.99 -9.55 -10.81
C LYS B 34 10.20 -8.35 -11.72
N ASN B 35 9.70 -7.21 -11.29
CA ASN B 35 9.81 -6.00 -12.09
C ASN B 35 11.02 -5.20 -11.68
N ASN B 36 11.76 -5.73 -10.71
CA ASN B 36 12.89 -5.03 -10.11
C ASN B 36 12.47 -3.67 -9.56
N LEU B 37 11.19 -3.55 -9.22
CA LEU B 37 10.63 -2.32 -8.67
C LEU B 37 11.04 -2.12 -7.22
N GLN B 38 10.84 -0.91 -6.73
CA GLN B 38 11.06 -0.59 -5.34
C GLN B 38 9.84 -0.98 -4.52
N LEU B 39 10.06 -1.64 -3.39
CA LEU B 39 8.98 -2.02 -2.49
C LEU B 39 8.05 -0.84 -2.23
N THR B 40 8.63 0.29 -1.85
CA THR B 40 7.88 1.49 -1.54
C THR B 40 7.10 2.00 -2.75
N GLN B 41 7.79 2.10 -3.89
CA GLN B 41 7.18 2.55 -5.13
C GLN B 41 5.95 1.71 -5.44
N ALA B 42 6.06 0.41 -5.21
CA ALA B 42 4.98 -0.52 -5.47
C ALA B 42 3.80 -0.25 -4.54
N ILE B 43 4.09 -0.08 -3.25
CA ILE B 43 3.04 0.25 -2.28
C ILE B 43 2.31 1.53 -2.70
N GLU B 44 3.07 2.54 -3.06
CA GLU B 44 2.52 3.84 -3.43
C GLU B 44 1.62 3.71 -4.65
N GLU B 45 2.08 3.00 -5.66
CA GLU B 45 1.28 2.75 -6.84
C GLU B 45 0.10 1.85 -6.50
N ALA B 46 0.30 0.98 -5.52
CA ALA B 46 -0.75 0.09 -5.05
C ALA B 46 -1.87 0.90 -4.41
N ILE B 47 -1.50 1.68 -3.41
CA ILE B 47 -2.43 2.48 -2.66
C ILE B 47 -3.05 3.56 -3.54
N LYS B 48 -2.31 4.02 -4.53
CA LYS B 48 -2.79 5.01 -5.48
C LYS B 48 -3.92 4.45 -6.32
N GLU B 49 -3.64 3.36 -7.03
CA GLU B 49 -4.64 2.76 -7.91
C GLU B 49 -5.76 2.13 -7.10
N TYR B 50 -5.55 2.03 -5.80
CA TYR B 50 -6.56 1.53 -4.91
C TYR B 50 -7.62 2.58 -4.66
N LEU B 51 -7.18 3.81 -4.38
CA LEU B 51 -8.09 4.92 -4.19
C LEU B 51 -8.90 5.19 -5.45
N GLN B 52 -8.26 5.07 -6.59
CA GLN B 52 -8.92 5.34 -7.86
C GLN B 52 -9.87 4.20 -8.23
N LYS B 53 -9.54 3.01 -7.76
CA LYS B 53 -10.39 1.84 -7.96
C LYS B 53 -11.58 1.87 -7.02
N ARG B 54 -11.44 2.67 -5.97
CA ARG B 54 -12.41 2.68 -4.90
C ARG B 54 -13.25 3.96 -4.93
N ASN B 55 -12.61 5.07 -4.55
CA ASN B 55 -13.28 6.38 -4.46
C ASN B 55 -12.30 7.44 -3.96
N GLY B 56 -11.79 7.28 -2.73
CA GLY B 56 -10.85 8.24 -2.18
C GLY B 56 -11.51 9.12 -1.13
N LYS A 11 -2.52 -15.86 8.86
CA LYS A 11 -2.65 -14.45 9.31
C LYS A 11 -1.35 -13.99 9.98
N GLN A 12 -0.24 -14.18 9.28
CA GLN A 12 1.05 -13.77 9.78
C GLN A 12 1.30 -12.30 9.45
N LYS A 13 1.75 -11.54 10.42
CA LYS A 13 1.90 -10.10 10.25
C LYS A 13 3.37 -9.69 10.16
N ALA A 14 3.59 -8.57 9.52
CA ALA A 14 4.93 -8.02 9.35
C ALA A 14 4.87 -6.52 9.54
N VAL A 15 6.02 -5.89 9.65
CA VAL A 15 6.07 -4.45 9.81
C VAL A 15 6.59 -3.82 8.53
N PHE A 16 6.33 -2.54 8.36
CA PHE A 16 6.77 -1.83 7.18
C PHE A 16 7.04 -0.38 7.52
N GLY A 17 8.25 0.07 7.21
CA GLY A 17 8.63 1.44 7.47
C GLY A 17 9.21 2.10 6.25
N ILE A 18 8.37 2.78 5.49
CA ILE A 18 8.78 3.36 4.22
C ILE A 18 8.52 4.85 4.17
N TYR A 19 9.12 5.50 3.18
CA TYR A 19 8.88 6.91 2.94
C TYR A 19 8.07 7.10 1.67
N MET A 20 6.76 7.17 1.83
CA MET A 20 5.85 7.30 0.71
C MET A 20 5.32 8.73 0.62
N ASP A 21 4.86 9.15 -0.55
CA ASP A 21 4.35 10.50 -0.73
C ASP A 21 3.23 10.80 0.25
N LYS A 22 3.12 12.06 0.61
CA LYS A 22 2.18 12.46 1.63
C LYS A 22 0.79 12.54 1.05
N ASP A 23 0.63 13.39 0.04
CA ASP A 23 -0.66 13.62 -0.59
C ASP A 23 -1.36 12.31 -0.95
N LEU A 24 -0.58 11.32 -1.36
CA LEU A 24 -1.10 10.02 -1.71
C LEU A 24 -1.53 9.24 -0.47
N LYS A 25 -0.59 9.03 0.45
CA LYS A 25 -0.87 8.32 1.69
C LYS A 25 -1.97 9.03 2.46
N THR A 26 -1.98 10.35 2.33
CA THR A 26 -2.94 11.20 3.03
C THR A 26 -4.30 11.15 2.36
N ARG A 27 -4.30 10.96 1.05
CA ARG A 27 -5.52 10.72 0.31
C ARG A 27 -6.22 9.49 0.87
N LEU A 28 -5.47 8.40 0.91
CA LEU A 28 -5.92 7.17 1.53
C LEU A 28 -6.28 7.37 3.00
N LYS A 29 -5.53 8.23 3.68
CA LYS A 29 -5.84 8.57 5.08
C LYS A 29 -7.26 9.09 5.18
N VAL A 30 -7.64 9.95 4.25
CA VAL A 30 -8.98 10.50 4.19
C VAL A 30 -9.99 9.40 3.87
N TYR A 31 -9.55 8.44 3.08
CA TYR A 31 -10.35 7.28 2.77
C TYR A 31 -10.60 6.47 4.03
N CYS A 32 -9.59 6.41 4.88
CA CYS A 32 -9.68 5.69 6.16
C CYS A 32 -10.51 6.49 7.16
N ALA A 33 -10.55 7.79 6.97
CA ALA A 33 -11.33 8.66 7.84
C ALA A 33 -12.80 8.64 7.43
N LYS A 34 -13.03 8.51 6.13
CA LYS A 34 -14.36 8.47 5.58
C LYS A 34 -15.05 7.15 5.84
N ASN A 35 -14.32 6.06 5.66
CA ASN A 35 -14.88 4.73 5.87
C ASN A 35 -14.58 4.26 7.28
N ASN A 36 -13.91 5.12 8.04
CA ASN A 36 -13.45 4.77 9.39
C ASN A 36 -12.56 3.52 9.36
N LEU A 37 -11.96 3.27 8.20
CA LEU A 37 -11.07 2.14 8.01
C LEU A 37 -9.74 2.38 8.71
N GLN A 38 -8.98 1.31 8.88
CA GLN A 38 -7.64 1.41 9.44
C GLN A 38 -6.67 1.75 8.34
N LEU A 39 -5.77 2.69 8.58
CA LEU A 39 -4.75 3.06 7.61
C LEU A 39 -4.08 1.82 7.02
N THR A 40 -3.60 0.95 7.90
CA THR A 40 -2.94 -0.28 7.50
C THR A 40 -3.85 -1.15 6.65
N GLN A 41 -5.07 -1.35 7.15
CA GLN A 41 -6.06 -2.19 6.47
C GLN A 41 -6.28 -1.71 5.04
N ALA A 42 -6.28 -0.39 4.86
CA ALA A 42 -6.47 0.20 3.55
C ALA A 42 -5.26 -0.02 2.67
N ILE A 43 -4.06 0.15 3.24
CA ILE A 43 -2.83 -0.14 2.52
C ILE A 43 -2.82 -1.58 2.05
N GLU A 44 -3.19 -2.48 2.95
CA GLU A 44 -3.19 -3.91 2.65
C GLU A 44 -4.17 -4.23 1.55
N GLU A 45 -5.37 -3.66 1.63
CA GLU A 45 -6.35 -3.83 0.58
C GLU A 45 -5.86 -3.17 -0.70
N ALA A 46 -5.15 -2.06 -0.54
CA ALA A 46 -4.59 -1.34 -1.67
C ALA A 46 -3.57 -2.19 -2.39
N ILE A 47 -2.59 -2.66 -1.64
CA ILE A 47 -1.49 -3.41 -2.18
C ILE A 47 -1.96 -4.81 -2.64
N LYS A 48 -3.03 -5.28 -2.03
CA LYS A 48 -3.61 -6.57 -2.40
C LYS A 48 -4.27 -6.48 -3.76
N GLU A 49 -5.20 -5.53 -3.88
CA GLU A 49 -5.93 -5.34 -5.12
C GLU A 49 -5.01 -4.79 -6.21
N TYR A 50 -3.83 -4.37 -5.81
CA TYR A 50 -2.83 -3.92 -6.73
C TYR A 50 -2.17 -5.10 -7.41
N LEU A 51 -1.78 -6.09 -6.61
CA LEU A 51 -1.22 -7.32 -7.15
C LEU A 51 -2.19 -8.01 -8.07
N GLN A 52 -3.47 -7.99 -7.71
CA GLN A 52 -4.50 -8.64 -8.52
C GLN A 52 -4.77 -7.85 -9.79
N LYS A 53 -4.76 -6.52 -9.68
CA LYS A 53 -5.00 -5.66 -10.83
C LYS A 53 -3.80 -5.64 -11.74
N ARG A 54 -2.69 -6.12 -11.23
CA ARG A 54 -1.44 -6.10 -11.97
C ARG A 54 -1.13 -7.50 -12.50
N ASN A 55 -0.79 -8.40 -11.58
CA ASN A 55 -0.47 -9.79 -11.91
C ASN A 55 -0.25 -10.63 -10.67
N GLY A 56 0.79 -10.33 -9.92
CA GLY A 56 1.10 -11.08 -8.71
C GLY A 56 1.77 -12.41 -9.01
N LYS B 11 5.93 16.90 -4.51
CA LYS B 11 6.66 15.66 -4.19
C LYS B 11 7.03 15.66 -2.70
N GLN B 12 6.05 15.87 -1.85
CA GLN B 12 6.26 15.86 -0.41
C GLN B 12 6.17 14.43 0.11
N LYS B 13 7.12 14.05 0.94
CA LYS B 13 7.20 12.67 1.40
C LYS B 13 6.81 12.56 2.86
N ALA B 14 6.36 11.37 3.23
CA ALA B 14 5.96 11.06 4.59
C ALA B 14 6.44 9.66 4.95
N VAL B 15 6.37 9.33 6.22
CA VAL B 15 6.79 8.01 6.67
C VAL B 15 5.57 7.19 7.04
N PHE B 16 5.73 5.90 7.08
CA PHE B 16 4.64 5.00 7.41
C PHE B 16 5.17 3.77 8.10
N GLY B 17 4.65 3.51 9.29
CA GLY B 17 5.07 2.34 10.05
C GLY B 17 3.88 1.53 10.51
N ILE B 18 3.52 0.52 9.72
CA ILE B 18 2.33 -0.27 9.98
C ILE B 18 2.64 -1.75 10.10
N TYR B 19 1.68 -2.50 10.62
CA TYR B 19 1.79 -3.94 10.70
C TYR B 19 0.84 -4.59 9.71
N MET B 20 1.36 -4.88 8.53
CA MET B 20 0.57 -5.46 7.46
C MET B 20 0.91 -6.94 7.30
N ASP B 21 0.01 -7.73 6.72
CA ASP B 21 0.24 -9.15 6.54
C ASP B 21 1.52 -9.40 5.77
N LYS B 22 2.15 -10.53 6.06
CA LYS B 22 3.45 -10.84 5.49
C LYS B 22 3.28 -11.33 4.08
N ASP B 23 2.54 -12.42 3.93
CA ASP B 23 2.32 -13.05 2.63
C ASP B 23 1.91 -12.04 1.57
N LEU B 24 1.13 -11.04 1.97
CA LEU B 24 0.68 -10.01 1.07
C LEU B 24 1.81 -9.04 0.73
N LYS B 25 2.39 -8.43 1.77
CA LYS B 25 3.50 -7.49 1.59
C LYS B 25 4.66 -8.19 0.89
N THR B 26 4.80 -9.47 1.18
CA THR B 26 5.88 -10.28 0.66
C THR B 26 5.60 -10.67 -0.79
N ARG B 27 4.31 -10.82 -1.12
CA ARG B 27 3.90 -11.02 -2.50
C ARG B 27 4.37 -9.85 -3.35
N LEU B 28 4.00 -8.65 -2.91
CA LEU B 28 4.45 -7.42 -3.50
C LEU B 28 5.98 -7.32 -3.48
N LYS B 29 6.60 -7.81 -2.41
CA LYS B 29 8.06 -7.84 -2.32
C LYS B 29 8.65 -8.59 -3.51
N VAL B 30 8.03 -9.70 -3.84
CA VAL B 30 8.44 -10.50 -4.98
C VAL B 30 8.20 -9.74 -6.28
N TYR B 31 7.15 -8.95 -6.28
CA TYR B 31 6.84 -8.09 -7.40
C TYR B 31 7.93 -7.04 -7.57
N CYS B 32 8.45 -6.57 -6.45
CA CYS B 32 9.54 -5.59 -6.44
C CYS B 32 10.86 -6.26 -6.79
N ALA B 33 10.95 -7.54 -6.55
CA ALA B 33 12.15 -8.30 -6.88
C ALA B 33 12.16 -8.66 -8.36
N LYS B 34 10.97 -8.91 -8.89
CA LYS B 34 10.79 -9.29 -10.28
C LYS B 34 10.95 -8.09 -11.20
N ASN B 35 10.37 -6.97 -10.83
CA ASN B 35 10.46 -5.76 -11.65
C ASN B 35 11.62 -4.90 -11.19
N ASN B 36 12.34 -5.40 -10.18
CA ASN B 36 13.41 -4.64 -9.54
C ASN B 36 12.89 -3.28 -9.03
N LEU B 37 11.59 -3.22 -8.76
CA LEU B 37 10.95 -2.02 -8.24
C LEU B 37 11.31 -1.81 -6.77
N GLN B 38 11.05 -0.61 -6.29
CA GLN B 38 11.25 -0.31 -4.89
C GLN B 38 10.01 -0.71 -4.12
N LEU B 39 10.20 -1.38 -2.98
CA LEU B 39 9.07 -1.77 -2.14
C LEU B 39 8.09 -0.60 -1.95
N THR B 40 8.63 0.53 -1.52
CA THR B 40 7.83 1.72 -1.29
C THR B 40 7.10 2.17 -2.56
N GLN B 41 7.85 2.24 -3.65
CA GLN B 41 7.32 2.66 -4.95
C GLN B 41 6.12 1.80 -5.32
N ALA B 42 6.20 0.51 -5.04
CA ALA B 42 5.14 -0.43 -5.34
C ALA B 42 3.94 -0.20 -4.45
N ILE B 43 4.20 0.02 -3.15
CA ILE B 43 3.13 0.35 -2.22
C ILE B 43 2.40 1.60 -2.66
N GLU B 44 3.17 2.61 -3.04
CA GLU B 44 2.62 3.88 -3.47
C GLU B 44 1.78 3.72 -4.72
N GLU B 45 2.28 2.97 -5.68
CA GLU B 45 1.51 2.67 -6.89
C GLU B 45 0.30 1.81 -6.53
N ALA B 46 0.48 0.94 -5.54
CA ALA B 46 -0.59 0.09 -5.08
C ALA B 46 -1.72 0.91 -4.48
N ILE B 47 -1.35 1.73 -3.51
CA ILE B 47 -2.31 2.53 -2.78
C ILE B 47 -2.88 3.64 -3.67
N LYS B 48 -2.13 4.04 -4.67
CA LYS B 48 -2.57 5.05 -5.61
C LYS B 48 -3.66 4.49 -6.52
N GLU B 49 -3.34 3.38 -7.17
CA GLU B 49 -4.28 2.73 -8.08
C GLU B 49 -5.44 2.13 -7.32
N TYR B 50 -5.30 2.06 -6.00
CA TYR B 50 -6.35 1.59 -5.13
C TYR B 50 -7.40 2.67 -4.96
N LEU B 51 -6.94 3.89 -4.67
CA LEU B 51 -7.84 5.02 -4.56
C LEU B 51 -8.59 5.26 -5.86
N GLN B 52 -7.90 5.09 -6.98
CA GLN B 52 -8.53 5.29 -8.28
C GLN B 52 -9.50 4.16 -8.61
N LYS B 53 -9.13 2.94 -8.25
CA LYS B 53 -9.96 1.79 -8.51
C LYS B 53 -11.16 1.77 -7.57
N ARG B 54 -11.06 2.56 -6.51
CA ARG B 54 -12.09 2.60 -5.51
C ARG B 54 -12.93 3.86 -5.68
N ASN B 55 -12.34 5.02 -5.38
CA ASN B 55 -13.03 6.30 -5.51
C ASN B 55 -12.07 7.47 -5.24
N GLY B 56 -11.58 7.57 -4.01
CA GLY B 56 -10.67 8.64 -3.66
C GLY B 56 -11.38 9.95 -3.41
N LYS A 11 -3.55 -12.21 9.24
CA LYS A 11 -3.07 -13.60 9.43
C LYS A 11 -1.77 -13.59 10.23
N GLN A 12 -0.66 -13.47 9.52
CA GLN A 12 0.64 -13.34 10.14
C GLN A 12 1.18 -11.95 9.86
N LYS A 13 1.44 -11.22 10.92
CA LYS A 13 1.72 -9.79 10.77
C LYS A 13 3.21 -9.50 10.69
N ALA A 14 3.52 -8.48 9.92
CA ALA A 14 4.87 -7.97 9.75
C ALA A 14 4.84 -6.46 9.87
N VAL A 15 6.00 -5.83 9.85
CA VAL A 15 6.07 -4.37 9.94
C VAL A 15 6.61 -3.81 8.65
N PHE A 16 6.36 -2.54 8.41
CA PHE A 16 6.79 -1.90 7.19
C PHE A 16 7.06 -0.43 7.46
N GLY A 17 8.28 0.01 7.19
CA GLY A 17 8.65 1.39 7.42
C GLY A 17 9.26 2.01 6.18
N ILE A 18 8.42 2.66 5.38
CA ILE A 18 8.87 3.19 4.09
C ILE A 18 8.62 4.69 4.00
N TYR A 19 9.22 5.30 2.99
CA TYR A 19 9.02 6.72 2.74
C TYR A 19 8.16 6.92 1.51
N MET A 20 6.87 7.05 1.72
CA MET A 20 5.92 7.21 0.62
C MET A 20 5.42 8.64 0.56
N ASP A 21 4.90 9.07 -0.60
CA ASP A 21 4.42 10.44 -0.75
C ASP A 21 3.34 10.75 0.26
N LYS A 22 3.22 12.02 0.60
CA LYS A 22 2.25 12.45 1.58
C LYS A 22 0.88 12.52 0.96
N ASP A 23 0.76 13.38 -0.05
CA ASP A 23 -0.51 13.65 -0.73
C ASP A 23 -1.25 12.35 -1.12
N LEU A 24 -0.49 11.34 -1.47
CA LEU A 24 -1.04 10.05 -1.87
C LEU A 24 -1.46 9.24 -0.65
N LYS A 25 -0.55 9.08 0.32
CA LYS A 25 -0.87 8.37 1.56
C LYS A 25 -1.99 9.09 2.30
N THR A 26 -1.97 10.41 2.17
CA THR A 26 -2.93 11.28 2.84
C THR A 26 -4.30 11.20 2.19
N ARG A 27 -4.32 11.01 0.89
CA ARG A 27 -5.56 10.73 0.17
C ARG A 27 -6.23 9.51 0.76
N LEU A 28 -5.47 8.44 0.87
CA LEU A 28 -5.93 7.20 1.49
C LEU A 28 -6.31 7.42 2.96
N LYS A 29 -5.56 8.28 3.65
CA LYS A 29 -5.86 8.62 5.03
C LYS A 29 -7.30 9.14 5.15
N VAL A 30 -7.71 9.92 4.18
CA VAL A 30 -9.07 10.44 4.14
C VAL A 30 -10.07 9.34 3.87
N TYR A 31 -9.64 8.38 3.08
CA TYR A 31 -10.43 7.19 2.78
C TYR A 31 -10.67 6.41 4.07
N CYS A 32 -9.63 6.36 4.91
CA CYS A 32 -9.70 5.67 6.19
C CYS A 32 -10.55 6.45 7.18
N ALA A 33 -10.64 7.74 6.99
CA ALA A 33 -11.44 8.59 7.87
C ALA A 33 -12.91 8.50 7.47
N LYS A 34 -13.15 8.43 6.17
CA LYS A 34 -14.50 8.41 5.63
C LYS A 34 -15.15 7.04 5.80
N ASN A 35 -14.37 5.98 5.65
CA ASN A 35 -14.90 4.63 5.81
C ASN A 35 -14.66 4.14 7.22
N ASN A 36 -14.01 5.00 8.02
CA ASN A 36 -13.60 4.65 9.37
C ASN A 36 -12.68 3.43 9.37
N LEU A 37 -12.01 3.23 8.24
CA LEU A 37 -11.07 2.12 8.07
C LEU A 37 -9.77 2.40 8.78
N GLN A 38 -8.98 1.36 8.96
CA GLN A 38 -7.64 1.49 9.51
C GLN A 38 -6.66 1.78 8.39
N LEU A 39 -5.77 2.73 8.61
CA LEU A 39 -4.74 3.08 7.63
C LEU A 39 -4.07 1.82 7.09
N THR A 40 -3.63 0.97 8.00
CA THR A 40 -2.95 -0.27 7.64
C THR A 40 -3.85 -1.17 6.80
N GLN A 41 -5.08 -1.38 7.28
CA GLN A 41 -6.03 -2.23 6.58
C GLN A 41 -6.23 -1.74 5.15
N ALA A 42 -6.24 -0.42 4.99
CA ALA A 42 -6.40 0.19 3.68
C ALA A 42 -5.20 -0.06 2.79
N ILE A 43 -4.00 0.11 3.35
CA ILE A 43 -2.78 -0.20 2.62
C ILE A 43 -2.78 -1.66 2.16
N GLU A 44 -3.13 -2.55 3.08
CA GLU A 44 -3.14 -3.98 2.80
C GLU A 44 -4.15 -4.31 1.70
N GLU A 45 -5.33 -3.70 1.78
CA GLU A 45 -6.33 -3.83 0.72
C GLU A 45 -5.79 -3.24 -0.58
N ALA A 46 -5.08 -2.13 -0.44
CA ALA A 46 -4.51 -1.43 -1.59
C ALA A 46 -3.51 -2.31 -2.30
N ILE A 47 -2.53 -2.79 -1.55
CA ILE A 47 -1.47 -3.59 -2.09
C ILE A 47 -1.98 -4.96 -2.52
N LYS A 48 -3.09 -5.40 -1.93
CA LYS A 48 -3.70 -6.66 -2.29
C LYS A 48 -4.35 -6.55 -3.66
N GLU A 49 -5.32 -5.65 -3.78
CA GLU A 49 -5.98 -5.35 -5.04
C GLU A 49 -4.97 -4.94 -6.11
N TYR A 50 -3.82 -4.49 -5.67
CA TYR A 50 -2.79 -4.02 -6.56
C TYR A 50 -2.19 -5.18 -7.33
N LEU A 51 -1.75 -6.20 -6.60
CA LEU A 51 -1.18 -7.38 -7.22
C LEU A 51 -2.16 -8.02 -8.19
N GLN A 52 -3.44 -8.01 -7.84
CA GLN A 52 -4.45 -8.62 -8.69
C GLN A 52 -4.79 -7.74 -9.89
N LYS A 53 -4.77 -6.43 -9.68
CA LYS A 53 -5.03 -5.47 -10.74
C LYS A 53 -3.87 -5.42 -11.72
N ARG A 54 -2.72 -5.83 -11.24
CA ARG A 54 -1.50 -5.66 -11.98
C ARG A 54 -1.11 -6.98 -12.64
N ASN A 55 -0.78 -7.96 -11.80
CA ASN A 55 -0.37 -9.28 -12.30
C ASN A 55 -0.18 -10.27 -11.15
N GLY A 56 0.80 -10.02 -10.30
CA GLY A 56 1.12 -10.95 -9.23
C GLY A 56 1.72 -12.22 -9.77
N LYS B 11 7.08 13.15 -4.82
CA LYS B 11 6.85 14.61 -4.70
C LYS B 11 7.29 15.08 -3.31
N GLN B 12 6.38 15.01 -2.36
CA GLN B 12 6.68 15.33 -0.99
C GLN B 12 6.57 14.07 -0.15
N LYS B 13 7.66 13.70 0.47
CA LYS B 13 7.75 12.37 1.09
C LYS B 13 7.37 12.39 2.57
N ALA B 14 6.76 11.29 2.98
CA ALA B 14 6.39 11.05 4.35
C ALA B 14 6.82 9.64 4.75
N VAL B 15 6.66 9.28 6.01
CA VAL B 15 7.03 7.95 6.45
C VAL B 15 5.79 7.19 6.89
N PHE B 16 5.89 5.88 6.92
CA PHE B 16 4.76 5.05 7.28
C PHE B 16 5.26 3.78 7.96
N GLY B 17 4.80 3.56 9.19
CA GLY B 17 5.22 2.39 9.94
C GLY B 17 4.03 1.61 10.44
N ILE B 18 3.61 0.62 9.67
CA ILE B 18 2.39 -0.13 9.98
C ILE B 18 2.68 -1.62 10.12
N TYR B 19 1.70 -2.33 10.67
CA TYR B 19 1.80 -3.78 10.80
C TYR B 19 0.88 -4.47 9.81
N MET B 20 1.43 -4.80 8.66
CA MET B 20 0.65 -5.43 7.59
C MET B 20 1.02 -6.90 7.48
N ASP B 21 0.13 -7.71 6.89
CA ASP B 21 0.39 -9.14 6.77
C ASP B 21 1.67 -9.39 6.01
N LYS B 22 2.29 -10.53 6.28
CA LYS B 22 3.54 -10.88 5.67
C LYS B 22 3.31 -11.40 4.27
N ASP B 23 2.57 -12.50 4.19
CA ASP B 23 2.28 -13.18 2.93
C ASP B 23 1.84 -12.23 1.83
N LEU B 24 1.09 -11.20 2.21
CA LEU B 24 0.58 -10.21 1.29
C LEU B 24 1.68 -9.21 0.90
N LYS B 25 2.34 -8.62 1.89
CA LYS B 25 3.44 -7.70 1.65
C LYS B 25 4.57 -8.41 0.92
N THR B 26 4.72 -9.69 1.24
CA THR B 26 5.77 -10.54 0.69
C THR B 26 5.47 -10.91 -0.75
N ARG B 27 4.19 -11.07 -1.06
CA ARG B 27 3.76 -11.26 -2.43
C ARG B 27 4.22 -10.08 -3.29
N LEU B 28 3.92 -8.89 -2.83
CA LEU B 28 4.36 -7.65 -3.46
C LEU B 28 5.89 -7.57 -3.49
N LYS B 29 6.54 -8.03 -2.43
CA LYS B 29 8.00 -8.05 -2.37
C LYS B 29 8.58 -8.81 -3.57
N VAL B 30 7.92 -9.89 -3.95
CA VAL B 30 8.32 -10.68 -5.10
C VAL B 30 8.07 -9.91 -6.39
N TYR B 31 7.02 -9.13 -6.38
CA TYR B 31 6.69 -8.26 -7.49
C TYR B 31 7.80 -7.23 -7.68
N CYS B 32 8.32 -6.75 -6.56
CA CYS B 32 9.42 -5.78 -6.57
C CYS B 32 10.72 -6.42 -6.99
N ALA B 33 10.84 -7.72 -6.76
CA ALA B 33 12.03 -8.44 -7.13
C ALA B 33 12.00 -8.78 -8.63
N LYS B 34 10.82 -9.10 -9.12
CA LYS B 34 10.63 -9.50 -10.50
C LYS B 34 10.66 -8.30 -11.44
N ASN B 35 10.10 -7.18 -11.00
CA ASN B 35 10.11 -5.97 -11.82
C ASN B 35 11.28 -5.10 -11.45
N ASN B 36 12.06 -5.56 -10.48
CA ASN B 36 13.17 -4.80 -9.92
C ASN B 36 12.69 -3.44 -9.38
N LEU B 37 11.41 -3.40 -9.00
CA LEU B 37 10.79 -2.21 -8.44
C LEU B 37 11.21 -2.02 -6.99
N GLN B 38 10.95 -0.83 -6.48
CA GLN B 38 11.20 -0.54 -5.08
C GLN B 38 9.95 -0.90 -4.28
N LEU B 39 10.14 -1.55 -3.15
CA LEU B 39 9.03 -1.92 -2.27
C LEU B 39 8.09 -0.73 -2.06
N THR B 40 8.67 0.40 -1.70
CA THR B 40 7.90 1.60 -1.44
C THR B 40 7.15 2.05 -2.68
N GLN B 41 7.85 2.12 -3.80
CA GLN B 41 7.24 2.54 -5.07
C GLN B 41 6.04 1.65 -5.40
N ALA B 42 6.16 0.37 -5.09
CA ALA B 42 5.09 -0.58 -5.33
C ALA B 42 3.90 -0.31 -4.43
N ILE B 43 4.17 -0.08 -3.14
CA ILE B 43 3.12 0.27 -2.20
C ILE B 43 2.39 1.52 -2.66
N GLU B 44 3.15 2.53 -3.06
CA GLU B 44 2.59 3.79 -3.50
C GLU B 44 1.74 3.61 -4.75
N GLU B 45 2.22 2.82 -5.69
CA GLU B 45 1.43 2.45 -6.86
C GLU B 45 0.19 1.67 -6.44
N ALA B 46 0.39 0.81 -5.45
CA ALA B 46 -0.69 -0.04 -4.95
C ALA B 46 -1.81 0.82 -4.36
N ILE B 47 -1.43 1.67 -3.42
CA ILE B 47 -2.36 2.50 -2.73
C ILE B 47 -2.93 3.58 -3.64
N LYS B 48 -2.20 3.92 -4.69
CA LYS B 48 -2.65 4.89 -5.67
C LYS B 48 -3.77 4.29 -6.52
N GLU B 49 -3.45 3.20 -7.22
CA GLU B 49 -4.43 2.46 -8.00
C GLU B 49 -5.60 2.00 -7.15
N TYR B 50 -5.37 1.93 -5.85
CA TYR B 50 -6.37 1.48 -4.92
C TYR B 50 -7.48 2.48 -4.79
N LEU B 51 -7.11 3.73 -4.51
CA LEU B 51 -8.09 4.80 -4.40
C LEU B 51 -8.89 4.94 -5.68
N GLN B 52 -8.26 4.76 -6.82
CA GLN B 52 -8.95 4.90 -8.10
C GLN B 52 -9.81 3.68 -8.40
N LYS B 53 -9.34 2.51 -8.01
CA LYS B 53 -10.08 1.27 -8.19
C LYS B 53 -11.28 1.23 -7.27
N ARG B 54 -11.18 1.96 -6.19
CA ARG B 54 -12.16 1.86 -5.13
C ARG B 54 -13.13 3.02 -5.23
N ASN B 55 -12.64 4.24 -5.02
CA ASN B 55 -13.49 5.43 -5.05
C ASN B 55 -12.66 6.70 -4.92
N GLY B 56 -12.04 6.90 -3.77
CA GLY B 56 -11.31 8.12 -3.52
C GLY B 56 -12.22 9.32 -3.39
N LYS A 11 4.89 -14.25 12.95
CA LYS A 11 3.77 -15.13 12.57
C LYS A 11 2.64 -14.32 11.93
N GLN A 12 2.36 -14.63 10.66
CA GLN A 12 1.23 -14.05 9.92
C GLN A 12 1.46 -12.58 9.57
N LYS A 13 1.84 -11.76 10.55
CA LYS A 13 1.95 -10.32 10.34
C LYS A 13 3.41 -9.90 10.19
N ALA A 14 3.59 -8.76 9.55
CA ALA A 14 4.91 -8.18 9.37
C ALA A 14 4.83 -6.68 9.56
N VAL A 15 5.99 -6.04 9.66
CA VAL A 15 6.03 -4.59 9.78
C VAL A 15 6.57 -4.00 8.48
N PHE A 16 6.33 -2.73 8.28
CA PHE A 16 6.74 -2.06 7.07
C PHE A 16 6.96 -0.58 7.36
N GLY A 17 8.17 -0.12 7.12
CA GLY A 17 8.50 1.28 7.35
C GLY A 17 9.12 1.92 6.14
N ILE A 18 8.31 2.60 5.34
CA ILE A 18 8.76 3.16 4.07
C ILE A 18 8.50 4.66 3.98
N TYR A 19 9.08 5.28 2.96
CA TYR A 19 8.88 6.70 2.72
C TYR A 19 8.01 6.91 1.48
N MET A 20 6.73 7.10 1.71
CA MET A 20 5.76 7.26 0.64
C MET A 20 5.25 8.69 0.61
N ASP A 21 4.76 9.14 -0.55
CA ASP A 21 4.32 10.51 -0.73
C ASP A 21 3.19 10.86 0.22
N LYS A 22 3.08 12.14 0.54
CA LYS A 22 2.14 12.62 1.53
C LYS A 22 0.75 12.66 0.95
N ASP A 23 0.57 13.45 -0.09
CA ASP A 23 -0.74 13.65 -0.71
C ASP A 23 -1.43 12.31 -1.03
N LEU A 24 -0.62 11.33 -1.39
CA LEU A 24 -1.10 10.00 -1.72
C LEU A 24 -1.47 9.22 -0.46
N LYS A 25 -0.53 9.08 0.48
CA LYS A 25 -0.79 8.37 1.72
C LYS A 25 -1.92 9.08 2.48
N THR A 26 -1.98 10.38 2.29
CA THR A 26 -2.95 11.23 2.96
C THR A 26 -4.31 11.14 2.27
N ARG A 27 -4.29 10.94 0.96
CA ARG A 27 -5.49 10.66 0.20
C ARG A 27 -6.18 9.42 0.77
N LEU A 28 -5.39 8.37 0.93
CA LEU A 28 -5.85 7.14 1.55
C LEU A 28 -6.25 7.38 3.01
N LYS A 29 -5.54 8.29 3.69
CA LYS A 29 -5.90 8.66 5.06
C LYS A 29 -7.33 9.18 5.11
N VAL A 30 -7.69 9.97 4.10
CA VAL A 30 -9.03 10.50 3.99
C VAL A 30 -10.04 9.39 3.72
N TYR A 31 -9.59 8.40 2.99
CA TYR A 31 -10.38 7.23 2.72
C TYR A 31 -10.64 6.47 4.02
N CYS A 32 -9.61 6.42 4.87
CA CYS A 32 -9.72 5.77 6.17
C CYS A 32 -10.51 6.61 7.15
N ALA A 33 -10.59 7.90 6.86
CA ALA A 33 -11.38 8.80 7.68
C ALA A 33 -12.85 8.71 7.29
N LYS A 34 -13.08 8.52 5.99
CA LYS A 34 -14.42 8.43 5.44
C LYS A 34 -15.11 7.14 5.86
N ASN A 35 -14.39 6.04 5.73
CA ASN A 35 -14.94 4.73 6.06
C ASN A 35 -14.59 4.36 7.48
N ASN A 36 -13.89 5.28 8.15
CA ASN A 36 -13.38 5.02 9.50
C ASN A 36 -12.48 3.79 9.53
N LEU A 37 -11.92 3.44 8.36
CA LEU A 37 -11.05 2.30 8.21
C LEU A 37 -9.71 2.53 8.89
N GLN A 38 -8.96 1.46 9.06
CA GLN A 38 -7.62 1.54 9.59
C GLN A 38 -6.63 1.79 8.47
N LEU A 39 -5.74 2.75 8.66
CA LEU A 39 -4.74 3.08 7.65
C LEU A 39 -4.08 1.83 7.09
N THR A 40 -3.64 0.95 7.98
CA THR A 40 -2.97 -0.27 7.60
C THR A 40 -3.88 -1.17 6.77
N GLN A 41 -5.10 -1.37 7.26
CA GLN A 41 -6.07 -2.21 6.57
C GLN A 41 -6.29 -1.72 5.14
N ALA A 42 -6.30 -0.41 4.98
CA ALA A 42 -6.47 0.21 3.68
C ALA A 42 -5.27 -0.05 2.79
N ILE A 43 -4.06 0.13 3.33
CA ILE A 43 -2.84 -0.17 2.58
C ILE A 43 -2.85 -1.61 2.12
N GLU A 44 -3.18 -2.52 3.03
CA GLU A 44 -3.17 -3.95 2.74
C GLU A 44 -4.18 -4.29 1.64
N GLU A 45 -5.37 -3.72 1.74
CA GLU A 45 -6.37 -3.89 0.70
C GLU A 45 -5.90 -3.23 -0.59
N ALA A 46 -5.17 -2.12 -0.45
CA ALA A 46 -4.63 -1.41 -1.58
C ALA A 46 -3.63 -2.27 -2.32
N ILE A 47 -2.62 -2.73 -1.60
CA ILE A 47 -1.57 -3.52 -2.16
C ILE A 47 -2.09 -4.88 -2.63
N LYS A 48 -3.12 -5.38 -1.97
CA LYS A 48 -3.73 -6.65 -2.34
C LYS A 48 -4.43 -6.55 -3.69
N GLU A 49 -5.34 -5.59 -3.82
CA GLU A 49 -6.07 -5.40 -5.08
C GLU A 49 -5.15 -4.86 -6.15
N TYR A 50 -3.97 -4.42 -5.75
CA TYR A 50 -2.99 -3.92 -6.68
C TYR A 50 -2.32 -5.07 -7.40
N LEU A 51 -1.94 -6.09 -6.64
CA LEU A 51 -1.34 -7.28 -7.22
C LEU A 51 -2.29 -7.96 -8.18
N GLN A 52 -3.57 -7.99 -7.85
CA GLN A 52 -4.55 -8.64 -8.72
C GLN A 52 -4.88 -7.77 -9.93
N LYS A 53 -4.76 -6.46 -9.75
CA LYS A 53 -4.94 -5.53 -10.84
C LYS A 53 -3.74 -5.58 -11.77
N ARG A 54 -2.67 -6.16 -11.28
CA ARG A 54 -1.43 -6.18 -12.00
C ARG A 54 -1.10 -7.60 -12.48
N ASN A 55 -0.66 -8.44 -11.55
CA ASN A 55 -0.20 -9.80 -11.83
C ASN A 55 0.32 -10.47 -10.55
N GLY A 56 1.32 -9.88 -9.92
CA GLY A 56 1.85 -10.40 -8.68
C GLY A 56 3.16 -11.14 -8.88
N LYS B 11 8.41 17.60 3.66
CA LYS B 11 8.15 18.13 2.31
C LYS B 11 7.97 16.99 1.31
N GLN B 12 6.77 16.92 0.73
CA GLN B 12 6.43 15.96 -0.34
C GLN B 12 6.33 14.52 0.17
N LYS B 13 7.34 14.06 0.91
CA LYS B 13 7.39 12.66 1.32
C LYS B 13 6.99 12.50 2.77
N ALA B 14 6.55 11.30 3.10
CA ALA B 14 6.19 10.97 4.47
C ALA B 14 6.68 9.57 4.79
N VAL B 15 6.61 9.20 6.06
CA VAL B 15 7.00 7.86 6.47
C VAL B 15 5.76 7.10 6.88
N PHE B 16 5.88 5.78 6.92
CA PHE B 16 4.75 4.94 7.25
C PHE B 16 5.25 3.63 7.86
N GLY B 17 4.83 3.37 9.10
CA GLY B 17 5.25 2.16 9.78
C GLY B 17 4.06 1.38 10.31
N ILE B 18 3.63 0.39 9.54
CA ILE B 18 2.43 -0.36 9.87
C ILE B 18 2.69 -1.85 9.97
N TYR B 19 1.70 -2.58 10.47
CA TYR B 19 1.79 -4.03 10.58
C TYR B 19 0.86 -4.69 9.58
N MET B 20 1.42 -5.06 8.44
CA MET B 20 0.64 -5.66 7.35
C MET B 20 1.01 -7.13 7.20
N ASP B 21 0.10 -7.92 6.64
CA ASP B 21 0.30 -9.35 6.50
C ASP B 21 1.56 -9.68 5.70
N LYS B 22 2.12 -10.84 5.96
CA LYS B 22 3.37 -11.24 5.36
C LYS B 22 3.16 -11.69 3.93
N ASP B 23 2.35 -12.73 3.76
CA ASP B 23 2.10 -13.31 2.43
C ASP B 23 1.71 -12.25 1.41
N LEU B 24 0.98 -11.24 1.87
CA LEU B 24 0.52 -10.15 1.04
C LEU B 24 1.66 -9.18 0.74
N LYS B 25 2.30 -8.65 1.77
CA LYS B 25 3.42 -7.73 1.58
C LYS B 25 4.54 -8.43 0.81
N THR B 26 4.63 -9.72 1.04
CA THR B 26 5.65 -10.56 0.44
C THR B 26 5.30 -10.90 -1.01
N ARG B 27 4.01 -11.02 -1.27
CA ARG B 27 3.50 -11.17 -2.64
C ARG B 27 3.96 -9.98 -3.48
N LEU B 28 3.74 -8.79 -2.96
CA LEU B 28 4.20 -7.56 -3.57
C LEU B 28 5.73 -7.52 -3.62
N LYS B 29 6.38 -8.08 -2.61
CA LYS B 29 7.84 -8.18 -2.60
C LYS B 29 8.32 -8.94 -3.83
N VAL B 30 7.60 -9.99 -4.17
CA VAL B 30 7.92 -10.79 -5.35
C VAL B 30 7.68 -9.99 -6.61
N TYR B 31 6.68 -9.13 -6.56
CA TYR B 31 6.39 -8.23 -7.65
C TYR B 31 7.54 -7.25 -7.83
N CYS B 32 8.10 -6.81 -6.71
CA CYS B 32 9.23 -5.89 -6.72
C CYS B 32 10.51 -6.62 -7.10
N ALA B 33 10.52 -7.93 -6.92
CA ALA B 33 11.65 -8.74 -7.30
C ALA B 33 11.60 -9.03 -8.80
N LYS B 34 10.38 -9.20 -9.31
CA LYS B 34 10.16 -9.51 -10.71
C LYS B 34 10.46 -8.31 -11.59
N ASN B 35 9.96 -7.16 -11.19
CA ASN B 35 10.15 -5.94 -11.97
C ASN B 35 11.35 -5.17 -11.47
N ASN B 36 12.00 -5.75 -10.46
CA ASN B 36 13.13 -5.09 -9.79
C ASN B 36 12.70 -3.74 -9.21
N LEU B 37 11.40 -3.58 -8.99
CA LEU B 37 10.83 -2.36 -8.45
C LEU B 37 11.20 -2.16 -6.99
N GLN B 38 10.98 -0.96 -6.51
CA GLN B 38 11.19 -0.64 -5.11
C GLN B 38 9.94 -0.96 -4.32
N LEU B 39 10.10 -1.66 -3.20
CA LEU B 39 8.97 -2.02 -2.34
C LEU B 39 8.03 -0.83 -2.13
N THR B 40 8.62 0.29 -1.75
CA THR B 40 7.86 1.49 -1.48
C THR B 40 7.11 1.97 -2.71
N GLN B 41 7.82 2.06 -3.84
CA GLN B 41 7.22 2.50 -5.09
C GLN B 41 6.01 1.65 -5.44
N ALA B 42 6.12 0.35 -5.16
CA ALA B 42 5.03 -0.58 -5.42
C ALA B 42 3.85 -0.31 -4.50
N ILE B 43 4.12 -0.12 -3.22
CA ILE B 43 3.08 0.22 -2.26
C ILE B 43 2.35 1.49 -2.69
N GLU B 44 3.11 2.50 -3.05
CA GLU B 44 2.57 3.79 -3.45
C GLU B 44 1.69 3.65 -4.69
N GLU B 45 2.17 2.91 -5.67
CA GLU B 45 1.38 2.63 -6.86
C GLU B 45 0.17 1.77 -6.49
N ALA B 46 0.35 0.91 -5.51
CA ALA B 46 -0.72 0.06 -5.03
C ALA B 46 -1.83 0.89 -4.42
N ILE B 47 -1.46 1.69 -3.44
CA ILE B 47 -2.39 2.52 -2.72
C ILE B 47 -2.99 3.60 -3.63
N LYS B 48 -2.21 4.03 -4.61
CA LYS B 48 -2.67 5.03 -5.57
C LYS B 48 -3.77 4.47 -6.46
N GLU B 49 -3.49 3.36 -7.13
CA GLU B 49 -4.48 2.74 -8.01
C GLU B 49 -5.62 2.14 -7.20
N TYR B 50 -5.43 2.05 -5.89
CA TYR B 50 -6.44 1.53 -5.01
C TYR B 50 -7.51 2.59 -4.79
N LEU B 51 -7.08 3.81 -4.52
CA LEU B 51 -8.00 4.92 -4.34
C LEU B 51 -8.82 5.17 -5.59
N GLN B 52 -8.20 5.01 -6.76
CA GLN B 52 -8.94 5.24 -8.00
C GLN B 52 -9.84 4.06 -8.34
N LYS B 53 -9.45 2.88 -7.88
CA LYS B 53 -10.27 1.70 -8.03
C LYS B 53 -11.45 1.75 -7.06
N ARG B 54 -11.34 2.63 -6.08
CA ARG B 54 -12.32 2.72 -5.04
C ARG B 54 -13.14 4.01 -5.14
N ASN B 55 -12.50 5.12 -4.77
CA ASN B 55 -13.13 6.44 -4.70
C ASN B 55 -12.16 7.48 -4.15
N GLY B 56 -11.69 7.26 -2.93
CA GLY B 56 -10.73 8.16 -2.33
C GLY B 56 -11.37 9.07 -1.29
N LYS A 11 -2.38 -14.34 8.08
CA LYS A 11 -2.70 -14.10 9.51
C LYS A 11 -1.45 -13.68 10.27
N GLN A 12 -0.32 -14.33 9.97
CA GLN A 12 0.95 -13.92 10.56
C GLN A 12 1.34 -12.56 10.01
N LYS A 13 1.80 -11.68 10.89
CA LYS A 13 2.00 -10.28 10.51
C LYS A 13 3.47 -9.94 10.38
N ALA A 14 3.72 -8.87 9.62
CA ALA A 14 5.04 -8.33 9.43
C ALA A 14 4.97 -6.82 9.58
N VAL A 15 6.12 -6.16 9.61
CA VAL A 15 6.15 -4.71 9.75
C VAL A 15 6.61 -4.10 8.43
N PHE A 16 6.37 -2.82 8.27
CA PHE A 16 6.76 -2.13 7.06
C PHE A 16 7.00 -0.66 7.37
N GLY A 17 8.21 -0.20 7.11
CA GLY A 17 8.57 1.18 7.38
C GLY A 17 9.18 1.84 6.17
N ILE A 18 8.36 2.55 5.41
CA ILE A 18 8.79 3.12 4.15
C ILE A 18 8.55 4.62 4.11
N TYR A 19 9.04 5.25 3.05
CA TYR A 19 8.88 6.68 2.86
C TYR A 19 8.05 6.95 1.60
N MET A 20 6.78 7.25 1.79
CA MET A 20 5.85 7.44 0.69
C MET A 20 5.36 8.90 0.67
N ASP A 21 4.88 9.36 -0.49
CA ASP A 21 4.40 10.73 -0.64
C ASP A 21 3.29 11.05 0.34
N LYS A 22 3.09 12.33 0.61
CA LYS A 22 2.08 12.76 1.54
C LYS A 22 0.71 12.69 0.90
N ASP A 23 0.50 13.51 -0.12
CA ASP A 23 -0.81 13.65 -0.77
C ASP A 23 -1.45 12.29 -1.07
N LEU A 24 -0.63 11.35 -1.48
CA LEU A 24 -1.06 10.01 -1.79
C LEU A 24 -1.44 9.25 -0.52
N LYS A 25 -0.53 9.15 0.44
CA LYS A 25 -0.81 8.48 1.69
C LYS A 25 -1.95 9.19 2.43
N THR A 26 -2.01 10.50 2.23
CA THR A 26 -2.97 11.37 2.88
C THR A 26 -4.36 11.20 2.25
N ARG A 27 -4.37 11.02 0.95
CA ARG A 27 -5.60 10.71 0.22
C ARG A 27 -6.23 9.45 0.81
N LEU A 28 -5.42 8.42 0.93
CA LEU A 28 -5.82 7.17 1.55
C LEU A 28 -6.22 7.39 3.02
N LYS A 29 -5.51 8.28 3.70
CA LYS A 29 -5.85 8.63 5.09
C LYS A 29 -7.28 9.14 5.15
N VAL A 30 -7.66 9.94 4.16
CA VAL A 30 -9.01 10.48 4.06
C VAL A 30 -10.00 9.37 3.73
N TYR A 31 -9.53 8.41 2.98
CA TYR A 31 -10.32 7.23 2.67
C TYR A 31 -10.59 6.45 3.95
N CYS A 32 -9.58 6.39 4.81
CA CYS A 32 -9.69 5.72 6.10
C CYS A 32 -10.52 6.56 7.07
N ALA A 33 -10.69 7.83 6.75
CA ALA A 33 -11.51 8.71 7.56
C ALA A 33 -12.97 8.61 7.12
N LYS A 34 -13.15 8.41 5.83
CA LYS A 34 -14.48 8.29 5.25
C LYS A 34 -15.12 6.96 5.61
N ASN A 35 -14.36 5.89 5.48
CA ASN A 35 -14.87 4.56 5.76
C ASN A 35 -14.55 4.17 7.18
N ASN A 36 -13.95 5.11 7.91
CA ASN A 36 -13.45 4.85 9.26
C ASN A 36 -12.51 3.63 9.29
N LEU A 37 -11.89 3.34 8.15
CA LEU A 37 -10.97 2.22 8.02
C LEU A 37 -9.66 2.49 8.73
N GLN A 38 -8.90 1.43 8.94
CA GLN A 38 -7.57 1.54 9.50
C GLN A 38 -6.57 1.80 8.39
N LEU A 39 -5.68 2.75 8.61
CA LEU A 39 -4.63 3.06 7.63
C LEU A 39 -3.97 1.79 7.12
N THR A 40 -3.54 0.93 8.03
CA THR A 40 -2.87 -0.30 7.67
C THR A 40 -3.79 -1.20 6.85
N GLN A 41 -5.02 -1.37 7.33
CA GLN A 41 -6.01 -2.20 6.65
C GLN A 41 -6.22 -1.70 5.22
N ALA A 42 -6.20 -0.39 5.05
CA ALA A 42 -6.37 0.22 3.74
C ALA A 42 -5.17 -0.06 2.84
N ILE A 43 -3.96 0.10 3.38
CA ILE A 43 -2.75 -0.23 2.64
C ILE A 43 -2.79 -1.68 2.17
N GLU A 44 -3.15 -2.57 3.08
CA GLU A 44 -3.21 -3.99 2.77
C GLU A 44 -4.24 -4.26 1.68
N GLU A 45 -5.39 -3.61 1.76
CA GLU A 45 -6.39 -3.68 0.70
C GLU A 45 -5.83 -3.10 -0.59
N ALA A 46 -5.11 -2.00 -0.45
CA ALA A 46 -4.52 -1.32 -1.59
C ALA A 46 -3.55 -2.22 -2.31
N ILE A 47 -2.59 -2.73 -1.55
CA ILE A 47 -1.55 -3.57 -2.08
C ILE A 47 -2.10 -4.92 -2.52
N LYS A 48 -3.22 -5.32 -1.93
CA LYS A 48 -3.87 -6.57 -2.29
C LYS A 48 -4.52 -6.44 -3.67
N GLU A 49 -5.46 -5.51 -3.79
CA GLU A 49 -6.12 -5.25 -5.06
C GLU A 49 -5.11 -4.85 -6.13
N TYR A 50 -3.96 -4.38 -5.70
CA TYR A 50 -2.94 -3.94 -6.59
C TYR A 50 -2.33 -5.12 -7.34
N LEU A 51 -1.93 -6.12 -6.57
CA LEU A 51 -1.37 -7.32 -7.15
C LEU A 51 -2.37 -8.01 -8.07
N GLN A 52 -3.64 -7.95 -7.71
CA GLN A 52 -4.67 -8.58 -8.54
C GLN A 52 -4.96 -7.75 -9.79
N LYS A 53 -4.91 -6.44 -9.64
CA LYS A 53 -5.12 -5.53 -10.76
C LYS A 53 -3.94 -5.59 -11.70
N ARG A 54 -2.83 -6.08 -11.20
CA ARG A 54 -1.59 -6.08 -11.93
C ARG A 54 -1.28 -7.49 -12.45
N ASN A 55 -0.83 -8.35 -11.54
CA ASN A 55 -0.44 -9.72 -11.87
C ASN A 55 0.11 -10.46 -10.63
N GLY A 56 1.11 -9.87 -9.98
CA GLY A 56 1.67 -10.47 -8.79
C GLY A 56 2.95 -11.21 -9.06
N LYS B 11 5.62 15.08 -4.12
CA LYS B 11 7.09 15.12 -4.10
C LYS B 11 7.61 15.15 -2.66
N GLN B 12 6.93 15.90 -1.79
CA GLN B 12 7.27 15.90 -0.37
C GLN B 12 6.91 14.54 0.22
N LYS B 13 7.80 13.99 1.02
CA LYS B 13 7.65 12.62 1.47
C LYS B 13 7.23 12.53 2.93
N ALA B 14 6.66 11.39 3.27
CA ALA B 14 6.27 11.07 4.63
C ALA B 14 6.71 9.65 4.95
N VAL B 15 6.59 9.25 6.20
CA VAL B 15 6.98 7.90 6.59
C VAL B 15 5.74 7.10 6.92
N PHE B 16 5.89 5.80 6.97
CA PHE B 16 4.77 4.92 7.28
C PHE B 16 5.28 3.65 7.92
N GLY B 17 4.82 3.38 9.13
CA GLY B 17 5.26 2.20 9.84
C GLY B 17 4.08 1.39 10.34
N ILE B 18 3.69 0.38 9.59
CA ILE B 18 2.49 -0.38 9.89
C ILE B 18 2.79 -1.86 10.02
N TYR B 19 1.78 -2.62 10.43
CA TYR B 19 1.91 -4.05 10.56
C TYR B 19 0.96 -4.76 9.62
N MET B 20 1.50 -5.25 8.51
CA MET B 20 0.69 -5.87 7.45
C MET B 20 1.07 -7.35 7.33
N ASP B 21 0.16 -8.15 6.75
CA ASP B 21 0.39 -9.59 6.60
C ASP B 21 1.64 -9.87 5.80
N LYS B 22 2.19 -11.07 5.96
CA LYS B 22 3.40 -11.44 5.27
C LYS B 22 3.10 -11.79 3.84
N ASP B 23 2.32 -12.84 3.64
CA ASP B 23 2.04 -13.38 2.29
C ASP B 23 1.65 -12.28 1.31
N LEU B 24 0.90 -11.32 1.79
CA LEU B 24 0.44 -10.20 1.00
C LEU B 24 1.60 -9.24 0.69
N LYS B 25 2.28 -8.76 1.73
CA LYS B 25 3.43 -7.87 1.54
C LYS B 25 4.53 -8.59 0.76
N THR B 26 4.59 -9.90 0.98
CA THR B 26 5.61 -10.76 0.39
C THR B 26 5.30 -11.01 -1.09
N ARG B 27 4.02 -11.15 -1.39
CA ARG B 27 3.57 -11.25 -2.77
C ARG B 27 4.04 -10.03 -3.56
N LEU B 28 3.78 -8.86 -3.00
CA LEU B 28 4.23 -7.61 -3.57
C LEU B 28 5.76 -7.54 -3.61
N LYS B 29 6.42 -8.11 -2.61
CA LYS B 29 7.88 -8.18 -2.57
C LYS B 29 8.37 -8.92 -3.81
N VAL B 30 7.67 -9.98 -4.17
CA VAL B 30 7.99 -10.77 -5.34
C VAL B 30 7.70 -9.99 -6.62
N TYR B 31 6.69 -9.16 -6.54
CA TYR B 31 6.37 -8.25 -7.63
C TYR B 31 7.51 -7.26 -7.82
N CYS B 32 8.08 -6.82 -6.71
CA CYS B 32 9.21 -5.90 -6.73
C CYS B 32 10.49 -6.62 -7.13
N ALA B 33 10.47 -7.94 -7.06
CA ALA B 33 11.60 -8.74 -7.48
C ALA B 33 11.49 -9.03 -8.98
N LYS B 34 10.27 -9.18 -9.45
CA LYS B 34 10.01 -9.45 -10.86
C LYS B 34 10.26 -8.22 -11.71
N ASN B 35 9.76 -7.09 -11.26
CA ASN B 35 9.89 -5.85 -12.00
C ASN B 35 11.10 -5.09 -11.52
N ASN B 36 11.83 -5.69 -10.59
CA ASN B 36 12.95 -5.03 -9.92
C ASN B 36 12.52 -3.68 -9.31
N LEU B 37 11.24 -3.56 -9.00
CA LEU B 37 10.68 -2.35 -8.41
C LEU B 37 11.10 -2.20 -6.96
N GLN B 38 10.93 -1.00 -6.45
CA GLN B 38 11.17 -0.72 -5.05
C GLN B 38 9.92 -1.03 -4.25
N LEU B 39 10.09 -1.71 -3.13
CA LEU B 39 8.97 -2.05 -2.25
C LEU B 39 8.07 -0.83 -2.01
N THR B 40 8.70 0.28 -1.63
CA THR B 40 7.96 1.51 -1.36
C THR B 40 7.24 2.00 -2.60
N GLN B 41 7.95 2.04 -3.72
CA GLN B 41 7.38 2.48 -4.98
C GLN B 41 6.17 1.64 -5.34
N ALA B 42 6.23 0.34 -5.04
CA ALA B 42 5.14 -0.57 -5.30
C ALA B 42 3.95 -0.28 -4.40
N ILE B 43 4.21 -0.09 -3.11
CA ILE B 43 3.15 0.27 -2.18
C ILE B 43 2.44 1.53 -2.64
N GLU B 44 3.23 2.53 -3.02
CA GLU B 44 2.68 3.80 -3.48
C GLU B 44 1.82 3.62 -4.73
N GLU B 45 2.30 2.80 -5.66
CA GLU B 45 1.52 2.44 -6.83
C GLU B 45 0.27 1.69 -6.41
N ALA B 46 0.43 0.81 -5.44
CA ALA B 46 -0.67 0.00 -4.93
C ALA B 46 -1.75 0.88 -4.34
N ILE B 47 -1.35 1.72 -3.41
CA ILE B 47 -2.26 2.59 -2.72
C ILE B 47 -2.81 3.68 -3.66
N LYS B 48 -2.05 3.99 -4.70
CA LYS B 48 -2.48 4.97 -5.68
C LYS B 48 -3.61 4.40 -6.53
N GLU B 49 -3.33 3.31 -7.23
CA GLU B 49 -4.33 2.63 -8.04
C GLU B 49 -5.52 2.20 -7.19
N TYR B 50 -5.29 2.07 -5.91
CA TYR B 50 -6.30 1.63 -4.98
C TYR B 50 -7.37 2.69 -4.82
N LEU B 51 -6.93 3.91 -4.53
CA LEU B 51 -7.84 5.02 -4.40
C LEU B 51 -8.61 5.28 -5.68
N GLN B 52 -7.96 5.06 -6.82
CA GLN B 52 -8.62 5.26 -8.10
C GLN B 52 -9.59 4.12 -8.41
N LYS B 53 -9.21 2.92 -8.04
CA LYS B 53 -10.06 1.76 -8.24
C LYS B 53 -11.25 1.80 -7.29
N ARG B 54 -11.12 2.60 -6.26
CA ARG B 54 -12.11 2.67 -5.23
C ARG B 54 -12.95 3.94 -5.36
N ASN B 55 -12.35 5.07 -4.96
CA ASN B 55 -13.01 6.38 -4.96
C ASN B 55 -12.09 7.46 -4.39
N GLY B 56 -11.60 7.25 -3.18
CA GLY B 56 -10.71 8.20 -2.56
C GLY B 56 -11.41 9.09 -1.56
N LYS A 11 -2.97 -13.10 9.60
CA LYS A 11 -2.34 -14.12 10.46
C LYS A 11 -0.92 -13.72 10.83
N GLN A 12 0.04 -14.15 10.01
CA GLN A 12 1.42 -13.78 10.24
C GLN A 12 1.64 -12.33 9.87
N LYS A 13 2.13 -11.57 10.82
CA LYS A 13 2.22 -10.13 10.65
C LYS A 13 3.67 -9.69 10.47
N ALA A 14 3.84 -8.67 9.65
CA ALA A 14 5.14 -8.09 9.40
C ALA A 14 5.05 -6.59 9.48
N VAL A 15 6.18 -5.94 9.63
CA VAL A 15 6.19 -4.49 9.76
C VAL A 15 6.64 -3.88 8.45
N PHE A 16 6.33 -2.62 8.27
CA PHE A 16 6.70 -1.93 7.06
C PHE A 16 6.98 -0.48 7.38
N GLY A 17 8.18 -0.03 7.04
CA GLY A 17 8.58 1.34 7.36
C GLY A 17 9.18 2.02 6.15
N ILE A 18 8.33 2.69 5.38
CA ILE A 18 8.78 3.29 4.13
C ILE A 18 8.50 4.79 4.12
N TYR A 19 9.16 5.48 3.20
CA TYR A 19 8.92 6.91 3.01
C TYR A 19 8.17 7.13 1.70
N MET A 20 6.86 7.21 1.78
CA MET A 20 6.04 7.47 0.60
C MET A 20 5.66 8.96 0.53
N ASP A 21 4.93 9.38 -0.50
CA ASP A 21 4.48 10.77 -0.58
C ASP A 21 3.36 11.03 0.41
N LYS A 22 3.17 12.29 0.75
CA LYS A 22 2.17 12.66 1.72
C LYS A 22 0.80 12.68 1.09
N ASP A 23 0.64 13.50 0.06
CA ASP A 23 -0.65 13.70 -0.60
C ASP A 23 -1.35 12.39 -0.90
N LEU A 24 -0.57 11.40 -1.32
CA LEU A 24 -1.08 10.10 -1.65
C LEU A 24 -1.47 9.31 -0.41
N LYS A 25 -0.50 9.08 0.50
CA LYS A 25 -0.78 8.41 1.77
C LYS A 25 -1.95 9.09 2.47
N THR A 26 -1.95 10.41 2.35
CA THR A 26 -2.92 11.25 3.01
C THR A 26 -4.28 11.19 2.32
N ARG A 27 -4.25 10.99 1.01
CA ARG A 27 -5.45 10.74 0.24
C ARG A 27 -6.14 9.50 0.79
N LEU A 28 -5.39 8.41 0.87
CA LEU A 28 -5.85 7.18 1.47
C LEU A 28 -6.25 7.39 2.94
N LYS A 29 -5.52 8.24 3.65
CA LYS A 29 -5.85 8.57 5.04
C LYS A 29 -7.27 9.10 5.14
N VAL A 30 -7.62 9.99 4.22
CA VAL A 30 -8.96 10.57 4.19
C VAL A 30 -9.99 9.51 3.82
N TYR A 31 -9.58 8.58 2.99
CA TYR A 31 -10.39 7.45 2.64
C TYR A 31 -10.66 6.60 3.88
N CYS A 32 -9.65 6.47 4.72
CA CYS A 32 -9.76 5.71 5.96
C CYS A 32 -10.67 6.42 6.95
N ALA A 33 -10.60 7.73 6.96
CA ALA A 33 -11.41 8.52 7.87
C ALA A 33 -12.87 8.49 7.46
N LYS A 34 -13.10 8.51 6.15
CA LYS A 34 -14.44 8.54 5.58
C LYS A 34 -15.14 7.20 5.75
N ASN A 35 -14.40 6.12 5.61
CA ASN A 35 -14.98 4.78 5.76
C ASN A 35 -14.76 4.26 7.15
N ASN A 36 -14.08 5.07 7.97
CA ASN A 36 -13.68 4.65 9.31
C ASN A 36 -12.76 3.42 9.25
N LEU A 37 -12.09 3.26 8.10
CA LEU A 37 -11.15 2.18 7.89
C LEU A 37 -9.84 2.44 8.61
N GLN A 38 -9.06 1.39 8.77
CA GLN A 38 -7.74 1.50 9.37
C GLN A 38 -6.71 1.75 8.29
N LEU A 39 -5.82 2.69 8.50
CA LEU A 39 -4.75 3.00 7.54
C LEU A 39 -4.09 1.72 7.03
N THR A 40 -3.67 0.88 7.96
CA THR A 40 -3.02 -0.38 7.62
C THR A 40 -3.92 -1.26 6.78
N GLN A 41 -5.17 -1.40 7.23
CA GLN A 41 -6.16 -2.21 6.54
C GLN A 41 -6.33 -1.72 5.11
N ALA A 42 -6.28 -0.41 4.93
CA ALA A 42 -6.43 0.21 3.61
C ALA A 42 -5.22 -0.06 2.75
N ILE A 43 -4.02 0.07 3.32
CA ILE A 43 -2.80 -0.26 2.61
C ILE A 43 -2.82 -1.71 2.15
N GLU A 44 -3.20 -2.60 3.06
CA GLU A 44 -3.25 -4.02 2.75
C GLU A 44 -4.25 -4.28 1.63
N GLU A 45 -5.40 -3.65 1.71
CA GLU A 45 -6.39 -3.74 0.63
C GLU A 45 -5.80 -3.16 -0.65
N ALA A 46 -5.08 -2.06 -0.50
CA ALA A 46 -4.47 -1.38 -1.63
C ALA A 46 -3.45 -2.27 -2.30
N ILE A 47 -2.51 -2.77 -1.51
CA ILE A 47 -1.43 -3.58 -2.01
C ILE A 47 -1.95 -4.96 -2.46
N LYS A 48 -3.06 -5.40 -1.87
CA LYS A 48 -3.65 -6.67 -2.24
C LYS A 48 -4.28 -6.59 -3.61
N GLU A 49 -5.19 -5.64 -3.79
CA GLU A 49 -5.89 -5.48 -5.04
C GLU A 49 -4.98 -4.91 -6.10
N TYR A 50 -3.81 -4.48 -5.70
CA TYR A 50 -2.83 -3.99 -6.62
C TYR A 50 -2.17 -5.15 -7.34
N LEU A 51 -1.81 -6.18 -6.59
CA LEU A 51 -1.26 -7.39 -7.17
C LEU A 51 -2.25 -8.03 -8.13
N GLN A 52 -3.53 -8.01 -7.77
CA GLN A 52 -4.55 -8.62 -8.63
C GLN A 52 -4.85 -7.76 -9.85
N LYS A 53 -4.82 -6.45 -9.67
CA LYS A 53 -5.03 -5.53 -10.78
C LYS A 53 -3.81 -5.55 -11.71
N ARG A 54 -2.71 -6.03 -11.18
CA ARG A 54 -1.46 -6.00 -11.90
C ARG A 54 -1.20 -7.37 -12.51
N ASN A 55 -0.85 -8.33 -11.66
CA ASN A 55 -0.57 -9.69 -12.09
C ASN A 55 -0.34 -10.62 -10.90
N GLY A 56 0.68 -10.34 -10.10
CA GLY A 56 0.99 -11.16 -8.95
C GLY A 56 1.59 -12.49 -9.35
N LYS B 11 7.31 14.18 -4.11
CA LYS B 11 7.77 15.50 -3.59
C LYS B 11 7.85 15.49 -2.07
N GLN B 12 6.75 15.88 -1.44
CA GLN B 12 6.67 15.87 0.01
C GLN B 12 6.54 14.43 0.51
N LYS B 13 7.47 14.05 1.36
CA LYS B 13 7.57 12.66 1.77
C LYS B 13 7.09 12.48 3.20
N ALA B 14 6.49 11.34 3.45
CA ALA B 14 6.02 10.98 4.77
C ALA B 14 6.41 9.56 5.08
N VAL B 15 6.39 9.22 6.34
CA VAL B 15 6.79 7.88 6.75
C VAL B 15 5.54 7.06 7.05
N PHE B 16 5.70 5.76 7.03
CA PHE B 16 4.59 4.87 7.31
C PHE B 16 5.11 3.63 8.01
N GLY B 17 4.58 3.36 9.18
CA GLY B 17 5.03 2.22 9.96
C GLY B 17 3.87 1.39 10.45
N ILE B 18 3.49 0.40 9.66
CA ILE B 18 2.30 -0.40 9.97
C ILE B 18 2.65 -1.87 10.08
N TYR B 19 1.75 -2.63 10.69
CA TYR B 19 1.90 -4.07 10.77
C TYR B 19 0.89 -4.76 9.85
N MET B 20 1.33 -5.07 8.65
CA MET B 20 0.47 -5.78 7.69
C MET B 20 0.79 -7.27 7.70
N ASP B 21 0.09 -8.07 6.90
CA ASP B 21 0.39 -9.50 6.80
C ASP B 21 1.66 -9.73 6.01
N LYS B 22 2.28 -10.87 6.22
CA LYS B 22 3.53 -11.19 5.56
C LYS B 22 3.29 -11.62 4.14
N ASP B 23 2.52 -12.69 3.98
CA ASP B 23 2.27 -13.30 2.69
C ASP B 23 1.90 -12.26 1.63
N LEU B 24 1.12 -11.28 2.03
CA LEU B 24 0.68 -10.22 1.16
C LEU B 24 1.81 -9.24 0.85
N LYS B 25 2.38 -8.62 1.88
CA LYS B 25 3.52 -7.71 1.72
C LYS B 25 4.62 -8.43 0.93
N THR B 26 4.76 -9.70 1.23
CA THR B 26 5.80 -10.53 0.67
C THR B 26 5.48 -10.90 -0.78
N ARG B 27 4.20 -11.04 -1.07
CA ARG B 27 3.72 -11.22 -2.43
C ARG B 27 4.18 -10.04 -3.28
N LEU B 28 3.86 -8.84 -2.82
CA LEU B 28 4.31 -7.62 -3.45
C LEU B 28 5.84 -7.53 -3.46
N LYS B 29 6.48 -8.01 -2.42
CA LYS B 29 7.95 -8.06 -2.36
C LYS B 29 8.51 -8.81 -3.55
N VAL B 30 7.91 -9.95 -3.85
CA VAL B 30 8.32 -10.78 -4.98
C VAL B 30 8.06 -10.06 -6.29
N TYR B 31 6.97 -9.31 -6.30
CA TYR B 31 6.63 -8.47 -7.43
C TYR B 31 7.71 -7.42 -7.64
N CYS B 32 8.22 -6.89 -6.53
CA CYS B 32 9.28 -5.89 -6.58
C CYS B 32 10.58 -6.49 -7.07
N ALA B 33 10.84 -7.72 -6.67
CA ALA B 33 12.06 -8.40 -7.05
C ALA B 33 12.04 -8.77 -8.53
N LYS B 34 10.86 -9.14 -9.00
CA LYS B 34 10.68 -9.58 -10.38
C LYS B 34 10.76 -8.40 -11.35
N ASN B 35 10.23 -7.27 -10.94
CA ASN B 35 10.25 -6.08 -11.79
C ASN B 35 11.41 -5.20 -11.43
N ASN B 36 12.17 -5.61 -10.41
CA ASN B 36 13.25 -4.81 -9.86
C ASN B 36 12.71 -3.48 -9.32
N LEU B 37 11.44 -3.49 -8.96
CA LEU B 37 10.77 -2.33 -8.38
C LEU B 37 11.17 -2.14 -6.93
N GLN B 38 10.92 -0.95 -6.41
CA GLN B 38 11.17 -0.65 -5.03
C GLN B 38 9.93 -0.95 -4.21
N LEU B 39 10.09 -1.62 -3.08
CA LEU B 39 8.96 -1.94 -2.20
C LEU B 39 8.07 -0.72 -2.00
N THR B 40 8.68 0.40 -1.63
CA THR B 40 7.95 1.64 -1.38
C THR B 40 7.21 2.09 -2.64
N GLN B 41 7.92 2.09 -3.76
CA GLN B 41 7.37 2.48 -5.04
C GLN B 41 6.14 1.63 -5.37
N ALA B 42 6.22 0.35 -5.04
CA ALA B 42 5.13 -0.59 -5.29
C ALA B 42 3.94 -0.30 -4.39
N ILE B 43 4.21 -0.06 -3.12
CA ILE B 43 3.15 0.32 -2.18
C ILE B 43 2.44 1.57 -2.66
N GLU B 44 3.22 2.55 -3.05
CA GLU B 44 2.68 3.82 -3.52
C GLU B 44 1.82 3.61 -4.75
N GLU B 45 2.31 2.81 -5.69
CA GLU B 45 1.53 2.43 -6.85
C GLU B 45 0.29 1.68 -6.42
N ALA B 46 0.45 0.82 -5.43
CA ALA B 46 -0.64 0.01 -4.92
C ALA B 46 -1.72 0.89 -4.30
N ILE B 47 -1.31 1.74 -3.38
CA ILE B 47 -2.21 2.60 -2.67
C ILE B 47 -2.78 3.68 -3.60
N LYS B 48 -2.02 4.04 -4.64
CA LYS B 48 -2.45 5.03 -5.59
C LYS B 48 -3.58 4.50 -6.45
N GLU B 49 -3.32 3.38 -7.11
CA GLU B 49 -4.30 2.78 -7.99
C GLU B 49 -5.43 2.15 -7.21
N TYR B 50 -5.26 2.08 -5.90
CA TYR B 50 -6.28 1.57 -5.04
C TYR B 50 -7.36 2.62 -4.86
N LEU B 51 -6.95 3.86 -4.63
CA LEU B 51 -7.89 4.96 -4.53
C LEU B 51 -8.65 5.15 -5.82
N GLN B 52 -7.98 4.96 -6.95
CA GLN B 52 -8.64 5.13 -8.25
C GLN B 52 -9.55 3.95 -8.57
N LYS B 53 -9.14 2.75 -8.18
CA LYS B 53 -9.96 1.57 -8.37
C LYS B 53 -11.15 1.59 -7.41
N ARG B 54 -11.03 2.40 -6.37
CA ARG B 54 -12.03 2.44 -5.34
C ARG B 54 -12.94 3.64 -5.55
N ASN B 55 -12.41 4.83 -5.30
CA ASN B 55 -13.16 6.08 -5.46
C ASN B 55 -12.27 7.29 -5.24
N GLY B 56 -11.72 7.42 -4.03
CA GLY B 56 -10.88 8.55 -3.71
C GLY B 56 -11.68 9.84 -3.57
N LYS A 11 -2.59 -14.15 8.07
CA LYS A 11 -2.86 -13.91 9.50
C LYS A 11 -1.59 -13.53 10.24
N GLN A 12 -0.47 -14.14 9.84
CA GLN A 12 0.83 -13.77 10.42
C GLN A 12 1.20 -12.38 9.93
N LYS A 13 1.67 -11.54 10.84
CA LYS A 13 1.85 -10.12 10.53
C LYS A 13 3.32 -9.76 10.39
N ALA A 14 3.56 -8.67 9.67
CA ALA A 14 4.88 -8.13 9.49
C ALA A 14 4.83 -6.62 9.63
N VAL A 15 5.98 -5.99 9.73
CA VAL A 15 6.03 -4.54 9.85
C VAL A 15 6.51 -3.95 8.54
N PHE A 16 6.28 -2.67 8.36
CA PHE A 16 6.70 -1.99 7.16
C PHE A 16 6.95 -0.52 7.45
N GLY A 17 8.15 -0.06 7.13
CA GLY A 17 8.51 1.33 7.39
C GLY A 17 9.13 1.96 6.16
N ILE A 18 8.34 2.72 5.42
CA ILE A 18 8.78 3.29 4.15
C ILE A 18 8.55 4.79 4.10
N TYR A 19 9.08 5.42 3.07
CA TYR A 19 8.88 6.85 2.85
C TYR A 19 8.10 7.06 1.57
N MET A 20 6.80 7.24 1.71
CA MET A 20 5.90 7.41 0.57
C MET A 20 5.41 8.85 0.47
N ASP A 21 4.88 9.24 -0.69
CA ASP A 21 4.37 10.61 -0.87
C ASP A 21 3.28 10.94 0.13
N LYS A 22 3.10 12.21 0.39
CA LYS A 22 2.13 12.65 1.36
C LYS A 22 0.73 12.61 0.80
N ASP A 23 0.49 13.42 -0.24
CA ASP A 23 -0.84 13.57 -0.82
C ASP A 23 -1.49 12.21 -1.09
N LEU A 24 -0.69 11.27 -1.54
CA LEU A 24 -1.16 9.93 -1.83
C LEU A 24 -1.54 9.19 -0.56
N LYS A 25 -0.59 9.05 0.36
CA LYS A 25 -0.84 8.38 1.63
C LYS A 25 -1.95 9.09 2.39
N THR A 26 -1.98 10.40 2.23
CA THR A 26 -2.94 11.26 2.92
C THR A 26 -4.31 11.13 2.28
N ARG A 27 -4.33 10.94 0.97
CA ARG A 27 -5.57 10.67 0.26
C ARG A 27 -6.24 9.43 0.84
N LEU A 28 -5.46 8.36 0.88
CA LEU A 28 -5.88 7.12 1.51
C LEU A 28 -6.23 7.33 2.99
N LYS A 29 -5.49 8.20 3.66
CA LYS A 29 -5.79 8.55 5.06
C LYS A 29 -7.21 9.08 5.17
N VAL A 30 -7.58 9.93 4.23
CA VAL A 30 -8.93 10.48 4.19
C VAL A 30 -9.94 9.40 3.89
N TYR A 31 -9.52 8.45 3.07
CA TYR A 31 -10.33 7.28 2.76
C TYR A 31 -10.58 6.48 4.02
N CYS A 32 -9.56 6.39 4.87
CA CYS A 32 -9.66 5.66 6.12
C CYS A 32 -10.51 6.41 7.12
N ALA A 33 -10.48 7.72 7.06
CA ALA A 33 -11.24 8.55 7.98
C ALA A 33 -12.72 8.54 7.59
N LYS A 34 -12.97 8.54 6.29
CA LYS A 34 -14.30 8.59 5.74
C LYS A 34 -15.01 7.25 5.90
N ASN A 35 -14.29 6.16 5.72
CA ASN A 35 -14.86 4.84 5.87
C ASN A 35 -14.63 4.32 7.27
N ASN A 36 -13.96 5.14 8.08
CA ASN A 36 -13.56 4.74 9.43
C ASN A 36 -12.69 3.48 9.40
N LEU A 37 -12.05 3.26 8.25
CA LEU A 37 -11.15 2.13 8.06
C LEU A 37 -9.84 2.36 8.80
N GLN A 38 -9.05 1.30 8.90
CA GLN A 38 -7.73 1.40 9.48
C GLN A 38 -6.73 1.70 8.37
N LEU A 39 -5.85 2.67 8.61
CA LEU A 39 -4.82 3.04 7.64
C LEU A 39 -4.14 1.80 7.07
N THR A 40 -3.68 0.94 7.97
CA THR A 40 -3.00 -0.28 7.59
C THR A 40 -3.88 -1.18 6.73
N GLN A 41 -5.12 -1.40 7.19
CA GLN A 41 -6.06 -2.25 6.47
C GLN A 41 -6.25 -1.74 5.04
N ALA A 42 -6.27 -0.42 4.90
CA ALA A 42 -6.45 0.21 3.59
C ALA A 42 -5.23 -0.06 2.72
N ILE A 43 -4.04 0.10 3.29
CA ILE A 43 -2.80 -0.21 2.57
C ILE A 43 -2.82 -1.67 2.13
N GLU A 44 -3.19 -2.55 3.05
CA GLU A 44 -3.21 -3.98 2.78
C GLU A 44 -4.20 -4.31 1.66
N GLU A 45 -5.35 -3.68 1.69
CA GLU A 45 -6.33 -3.85 0.62
C GLU A 45 -5.81 -3.21 -0.66
N ALA A 46 -5.08 -2.11 -0.50
CA ALA A 46 -4.48 -1.40 -1.62
C ALA A 46 -3.46 -2.26 -2.32
N ILE A 47 -2.51 -2.76 -1.54
CA ILE A 47 -1.43 -3.56 -2.06
C ILE A 47 -1.94 -4.92 -2.54
N LYS A 48 -3.05 -5.36 -1.98
CA LYS A 48 -3.65 -6.62 -2.37
C LYS A 48 -4.31 -6.49 -3.73
N GLU A 49 -5.26 -5.55 -3.84
CA GLU A 49 -5.91 -5.27 -5.10
C GLU A 49 -4.94 -4.77 -6.15
N TYR A 50 -3.78 -4.36 -5.71
CA TYR A 50 -2.73 -3.92 -6.59
C TYR A 50 -2.14 -5.10 -7.33
N LEU A 51 -1.74 -6.11 -6.58
CA LEU A 51 -1.21 -7.33 -7.16
C LEU A 51 -2.21 -7.98 -8.11
N GLN A 52 -3.49 -7.86 -7.79
CA GLN A 52 -4.53 -8.42 -8.65
C GLN A 52 -4.76 -7.54 -9.88
N LYS A 53 -4.67 -6.23 -9.68
CA LYS A 53 -4.84 -5.28 -10.76
C LYS A 53 -3.64 -5.33 -11.70
N ARG A 54 -2.57 -5.93 -11.22
CA ARG A 54 -1.34 -5.99 -11.94
C ARG A 54 -1.12 -7.40 -12.49
N ASN A 55 -0.75 -8.32 -11.61
CA ASN A 55 -0.46 -9.70 -11.98
C ASN A 55 -0.16 -10.55 -10.74
N GLY A 56 0.86 -10.18 -9.99
CA GLY A 56 1.21 -10.90 -8.79
C GLY A 56 1.96 -12.18 -9.08
N LYS B 11 5.50 14.93 -4.40
CA LYS B 11 6.97 15.02 -4.29
C LYS B 11 7.40 15.10 -2.83
N GLN B 12 6.62 15.82 -2.01
CA GLN B 12 6.89 15.86 -0.58
C GLN B 12 6.61 14.50 0.03
N LYS B 13 7.51 14.03 0.87
CA LYS B 13 7.46 12.66 1.34
C LYS B 13 7.00 12.57 2.80
N ALA B 14 6.48 11.40 3.14
CA ALA B 14 6.06 11.11 4.51
C ALA B 14 6.50 9.70 4.86
N VAL B 15 6.42 9.35 6.13
CA VAL B 15 6.81 8.03 6.57
C VAL B 15 5.57 7.23 6.91
N PHE B 16 5.71 5.92 6.98
CA PHE B 16 4.60 5.06 7.29
C PHE B 16 5.10 3.80 7.97
N GLY B 17 4.58 3.52 9.15
CA GLY B 17 5.00 2.35 9.90
C GLY B 17 3.80 1.55 10.38
N ILE B 18 3.47 0.49 9.67
CA ILE B 18 2.28 -0.29 9.97
C ILE B 18 2.59 -1.77 10.12
N TYR B 19 1.59 -2.52 10.56
CA TYR B 19 1.72 -3.96 10.69
C TYR B 19 0.76 -4.65 9.73
N MET B 20 1.28 -5.04 8.58
CA MET B 20 0.47 -5.67 7.53
C MET B 20 0.80 -7.16 7.43
N ASP B 21 -0.07 -7.94 6.79
CA ASP B 21 0.16 -9.37 6.62
C ASP B 21 1.46 -9.64 5.89
N LYS B 22 2.01 -10.82 6.09
CA LYS B 22 3.28 -11.19 5.51
C LYS B 22 3.10 -11.57 4.05
N ASP B 23 2.36 -12.64 3.81
CA ASP B 23 2.19 -13.19 2.46
C ASP B 23 1.86 -12.12 1.45
N LEU B 24 1.01 -11.19 1.87
CA LEU B 24 0.61 -10.09 1.02
C LEU B 24 1.76 -9.13 0.74
N LYS B 25 2.34 -8.58 1.80
CA LYS B 25 3.47 -7.67 1.67
C LYS B 25 4.62 -8.37 0.97
N THR B 26 4.74 -9.66 1.24
CA THR B 26 5.81 -10.48 0.70
C THR B 26 5.57 -10.80 -0.77
N ARG B 27 4.31 -10.95 -1.11
CA ARG B 27 3.90 -11.13 -2.50
C ARG B 27 4.38 -9.94 -3.32
N LEU B 28 4.00 -8.76 -2.86
CA LEU B 28 4.45 -7.51 -3.44
C LEU B 28 5.98 -7.40 -3.40
N LYS B 29 6.60 -7.91 -2.34
CA LYS B 29 8.06 -7.93 -2.24
C LYS B 29 8.65 -8.70 -3.41
N VAL B 30 8.03 -9.81 -3.74
CA VAL B 30 8.46 -10.62 -4.88
C VAL B 30 8.23 -9.86 -6.18
N TYR B 31 7.16 -9.09 -6.20
CA TYR B 31 6.85 -8.24 -7.33
C TYR B 31 7.95 -7.20 -7.50
N CYS B 32 8.45 -6.69 -6.38
CA CYS B 32 9.52 -5.69 -6.40
C CYS B 32 10.84 -6.32 -6.80
N ALA B 33 11.04 -7.57 -6.45
CA ALA B 33 12.26 -8.27 -6.76
C ALA B 33 12.29 -8.67 -8.23
N LYS B 34 11.13 -9.05 -8.74
CA LYS B 34 10.97 -9.49 -10.11
C LYS B 34 11.06 -8.33 -11.08
N ASN B 35 10.47 -7.20 -10.71
CA ASN B 35 10.51 -6.03 -11.58
C ASN B 35 11.66 -5.13 -11.18
N ASN B 36 12.41 -5.57 -10.17
CA ASN B 36 13.49 -4.76 -9.60
C ASN B 36 12.99 -3.41 -9.12
N LEU B 37 11.69 -3.36 -8.81
CA LEU B 37 11.04 -2.17 -8.28
C LEU B 37 11.44 -1.92 -6.83
N GLN B 38 11.10 -0.74 -6.35
CA GLN B 38 11.31 -0.42 -4.95
C GLN B 38 10.07 -0.79 -4.16
N LEU B 39 10.26 -1.47 -3.04
CA LEU B 39 9.14 -1.87 -2.18
C LEU B 39 8.17 -0.70 -1.98
N THR B 40 8.72 0.43 -1.59
CA THR B 40 7.94 1.63 -1.33
C THR B 40 7.18 2.07 -2.57
N GLN B 41 7.89 2.16 -3.70
CA GLN B 41 7.30 2.58 -4.96
C GLN B 41 6.12 1.70 -5.30
N ALA B 42 6.24 0.41 -5.03
CA ALA B 42 5.18 -0.55 -5.30
C ALA B 42 3.99 -0.29 -4.41
N ILE B 43 4.23 -0.06 -3.12
CA ILE B 43 3.17 0.30 -2.19
C ILE B 43 2.46 1.57 -2.66
N GLU B 44 3.26 2.56 -3.05
CA GLU B 44 2.73 3.85 -3.50
C GLU B 44 1.87 3.67 -4.75
N GLU B 45 2.33 2.85 -5.68
CA GLU B 45 1.55 2.55 -6.87
C GLU B 45 0.33 1.72 -6.48
N ALA B 46 0.51 0.87 -5.47
CA ALA B 46 -0.56 0.03 -4.97
C ALA B 46 -1.67 0.87 -4.38
N ILE B 47 -1.30 1.72 -3.45
CA ILE B 47 -2.23 2.56 -2.75
C ILE B 47 -2.82 3.63 -3.66
N LYS B 48 -2.08 3.97 -4.72
CA LYS B 48 -2.54 4.95 -5.68
C LYS B 48 -3.62 4.33 -6.57
N GLU B 49 -3.29 3.23 -7.24
CA GLU B 49 -4.24 2.50 -8.06
C GLU B 49 -5.40 1.96 -7.24
N TYR B 50 -5.20 1.92 -5.93
CA TYR B 50 -6.23 1.48 -5.02
C TYR B 50 -7.32 2.53 -4.93
N LEU B 51 -6.92 3.76 -4.64
CA LEU B 51 -7.85 4.87 -4.58
C LEU B 51 -8.60 5.04 -5.89
N GLN B 52 -7.94 4.75 -7.00
CA GLN B 52 -8.58 4.85 -8.31
C GLN B 52 -9.49 3.66 -8.56
N LYS B 53 -9.08 2.49 -8.10
CA LYS B 53 -9.87 1.27 -8.25
C LYS B 53 -11.08 1.32 -7.33
N ARG B 54 -11.03 2.23 -6.38
CA ARG B 54 -12.05 2.34 -5.38
C ARG B 54 -12.92 3.58 -5.65
N ASN B 55 -12.36 4.75 -5.35
CA ASN B 55 -13.06 6.02 -5.51
C ASN B 55 -12.15 7.20 -5.19
N GLY B 56 -11.65 7.24 -3.96
CA GLY B 56 -10.76 8.31 -3.56
C GLY B 56 -11.50 9.58 -3.23
N LYS A 11 5.67 -14.77 11.85
CA LYS A 11 4.67 -15.26 10.87
C LYS A 11 3.39 -14.45 10.99
N GLN A 12 2.46 -14.67 10.07
CA GLN A 12 1.16 -13.99 10.04
C GLN A 12 1.33 -12.52 9.67
N LYS A 13 1.80 -11.73 10.63
CA LYS A 13 1.92 -10.30 10.44
C LYS A 13 3.38 -9.89 10.32
N ALA A 14 3.61 -8.79 9.64
CA ALA A 14 4.94 -8.21 9.48
C ALA A 14 4.87 -6.71 9.65
N VAL A 15 6.03 -6.08 9.76
CA VAL A 15 6.09 -4.63 9.91
C VAL A 15 6.64 -4.03 8.64
N PHE A 16 6.41 -2.74 8.46
CA PHE A 16 6.84 -2.05 7.26
C PHE A 16 7.16 -0.59 7.59
N GLY A 17 8.33 -0.13 7.16
CA GLY A 17 8.73 1.23 7.41
C GLY A 17 9.31 1.88 6.18
N ILE A 18 8.48 2.58 5.43
CA ILE A 18 8.88 3.15 4.16
C ILE A 18 8.61 4.64 4.08
N TYR A 19 9.16 5.28 3.05
CA TYR A 19 8.93 6.70 2.82
C TYR A 19 8.04 6.88 1.59
N MET A 20 6.76 7.06 1.82
CA MET A 20 5.79 7.20 0.73
C MET A 20 5.30 8.65 0.66
N ASP A 21 4.82 9.05 -0.51
CA ASP A 21 4.40 10.43 -0.75
C ASP A 21 3.27 10.86 0.18
N LYS A 22 3.18 12.16 0.40
CA LYS A 22 2.23 12.73 1.34
C LYS A 22 0.82 12.70 0.78
N ASP A 23 0.60 13.44 -0.30
CA ASP A 23 -0.72 13.58 -0.92
C ASP A 23 -1.36 12.21 -1.15
N LEU A 24 -0.54 11.25 -1.55
CA LEU A 24 -0.97 9.91 -1.82
C LEU A 24 -1.39 9.19 -0.53
N LYS A 25 -0.49 9.12 0.45
CA LYS A 25 -0.79 8.47 1.71
C LYS A 25 -1.93 9.21 2.40
N THR A 26 -1.99 10.51 2.15
CA THR A 26 -2.98 11.39 2.75
C THR A 26 -4.35 11.21 2.13
N ARG A 27 -4.38 11.03 0.82
CA ARG A 27 -5.60 10.69 0.11
C ARG A 27 -6.23 9.44 0.70
N LEU A 28 -5.40 8.43 0.90
CA LEU A 28 -5.82 7.18 1.52
C LEU A 28 -6.23 7.41 2.99
N LYS A 29 -5.54 8.32 3.67
CA LYS A 29 -5.91 8.69 5.03
C LYS A 29 -7.35 9.18 5.07
N VAL A 30 -7.73 9.94 4.05
CA VAL A 30 -9.10 10.42 3.93
C VAL A 30 -10.07 9.29 3.65
N TYR A 31 -9.58 8.30 2.94
CA TYR A 31 -10.34 7.11 2.66
C TYR A 31 -10.58 6.33 3.95
N CYS A 32 -9.56 6.34 4.82
CA CYS A 32 -9.67 5.69 6.12
C CYS A 32 -10.55 6.50 7.06
N ALA A 33 -10.74 7.76 6.74
CA ALA A 33 -11.63 8.61 7.51
C ALA A 33 -13.06 8.41 7.04
N LYS A 34 -13.22 8.28 5.73
CA LYS A 34 -14.53 8.13 5.11
C LYS A 34 -15.14 6.77 5.42
N ASN A 35 -14.32 5.73 5.35
CA ASN A 35 -14.81 4.39 5.63
C ASN A 35 -14.52 4.01 7.06
N ASN A 36 -13.93 4.96 7.80
CA ASN A 36 -13.46 4.70 9.16
C ASN A 36 -12.51 3.51 9.23
N LEU A 37 -11.86 3.21 8.11
CA LEU A 37 -10.89 2.14 8.03
C LEU A 37 -9.63 2.47 8.80
N GLN A 38 -8.84 1.44 9.07
CA GLN A 38 -7.53 1.61 9.64
C GLN A 38 -6.53 1.84 8.52
N LEU A 39 -5.65 2.80 8.71
CA LEU A 39 -4.62 3.11 7.70
C LEU A 39 -3.98 1.83 7.16
N THR A 40 -3.59 0.95 8.08
CA THR A 40 -2.94 -0.29 7.71
C THR A 40 -3.86 -1.16 6.88
N GLN A 41 -5.09 -1.36 7.34
CA GLN A 41 -6.07 -2.18 6.63
C GLN A 41 -6.27 -1.67 5.22
N ALA A 42 -6.24 -0.35 5.06
CA ALA A 42 -6.39 0.28 3.77
C ALA A 42 -5.18 0.01 2.88
N ILE A 43 -3.99 0.16 3.44
CA ILE A 43 -2.75 -0.16 2.72
C ILE A 43 -2.78 -1.61 2.25
N GLU A 44 -3.18 -2.50 3.15
CA GLU A 44 -3.22 -3.93 2.85
C GLU A 44 -4.21 -4.22 1.73
N GLU A 45 -5.41 -3.66 1.84
CA GLU A 45 -6.38 -3.74 0.76
C GLU A 45 -5.82 -3.12 -0.51
N ALA A 46 -5.06 -2.05 -0.34
CA ALA A 46 -4.46 -1.36 -1.45
C ALA A 46 -3.48 -2.26 -2.17
N ILE A 47 -2.51 -2.75 -1.43
CA ILE A 47 -1.48 -3.59 -1.96
C ILE A 47 -2.03 -4.94 -2.40
N LYS A 48 -3.11 -5.38 -1.77
CA LYS A 48 -3.78 -6.60 -2.15
C LYS A 48 -4.46 -6.45 -3.51
N GLU A 49 -5.39 -5.49 -3.59
CA GLU A 49 -6.08 -5.21 -4.83
C GLU A 49 -5.13 -4.73 -5.92
N TYR A 50 -3.93 -4.38 -5.50
CA TYR A 50 -2.91 -3.92 -6.41
C TYR A 50 -2.36 -5.08 -7.22
N LEU A 51 -1.90 -6.10 -6.51
CA LEU A 51 -1.36 -7.28 -7.17
C LEU A 51 -2.37 -7.91 -8.11
N GLN A 52 -3.62 -7.88 -7.72
CA GLN A 52 -4.68 -8.47 -8.54
C GLN A 52 -5.06 -7.54 -9.68
N LYS A 53 -4.88 -6.24 -9.47
CA LYS A 53 -5.13 -5.25 -10.52
C LYS A 53 -4.00 -5.27 -11.54
N ARG A 54 -2.88 -5.83 -11.13
CA ARG A 54 -1.68 -5.76 -11.92
C ARG A 54 -1.35 -7.13 -12.52
N ASN A 55 -0.92 -8.05 -11.66
CA ASN A 55 -0.50 -9.39 -12.09
C ASN A 55 -0.08 -10.25 -10.90
N GLY A 56 0.97 -9.82 -10.20
CA GLY A 56 1.50 -10.60 -9.11
C GLY A 56 2.72 -11.40 -9.53
N LYS B 11 7.02 17.87 4.16
CA LYS B 11 6.23 17.90 2.90
C LYS B 11 6.82 16.90 1.90
N GLN B 12 6.11 16.71 0.78
CA GLN B 12 6.54 15.80 -0.29
C GLN B 12 6.42 14.35 0.17
N LYS B 13 7.38 13.92 0.97
CA LYS B 13 7.44 12.53 1.41
C LYS B 13 7.06 12.39 2.87
N ALA B 14 6.57 11.23 3.22
CA ALA B 14 6.21 10.91 4.60
C ALA B 14 6.68 9.50 4.93
N VAL B 15 6.62 9.15 6.21
CA VAL B 15 7.03 7.82 6.63
C VAL B 15 5.81 7.04 7.06
N PHE B 16 5.95 5.73 7.11
CA PHE B 16 4.83 4.87 7.46
C PHE B 16 5.34 3.63 8.18
N GLY B 17 4.75 3.31 9.32
CA GLY B 17 5.15 2.15 10.08
C GLY B 17 3.95 1.36 10.55
N ILE B 18 3.59 0.35 9.78
CA ILE B 18 2.38 -0.42 10.05
C ILE B 18 2.66 -1.92 10.14
N TYR B 19 1.68 -2.67 10.62
CA TYR B 19 1.79 -4.12 10.70
C TYR B 19 0.86 -4.76 9.67
N MET B 20 1.42 -5.13 8.53
CA MET B 20 0.65 -5.71 7.45
C MET B 20 0.98 -7.20 7.30
N ASP B 21 0.06 -7.95 6.71
CA ASP B 21 0.20 -9.40 6.61
C ASP B 21 1.43 -9.80 5.81
N LYS B 22 1.92 -11.01 6.08
CA LYS B 22 3.15 -11.50 5.50
C LYS B 22 2.95 -11.88 4.05
N ASP B 23 2.13 -12.89 3.81
CA ASP B 23 1.88 -13.42 2.47
C ASP B 23 1.55 -12.30 1.49
N LEU B 24 0.80 -11.33 1.97
CA LEU B 24 0.38 -10.20 1.18
C LEU B 24 1.57 -9.28 0.84
N LYS B 25 2.27 -8.81 1.88
CA LYS B 25 3.42 -7.95 1.67
C LYS B 25 4.50 -8.70 0.90
N THR B 26 4.51 -10.01 1.10
CA THR B 26 5.50 -10.90 0.50
C THR B 26 5.20 -11.13 -0.98
N ARG B 27 3.93 -11.28 -1.29
CA ARG B 27 3.47 -11.37 -2.67
C ARG B 27 3.95 -10.15 -3.47
N LEU B 28 3.75 -8.98 -2.88
CA LEU B 28 4.20 -7.72 -3.46
C LEU B 28 5.73 -7.66 -3.51
N LYS B 29 6.39 -8.24 -2.50
CA LYS B 29 7.85 -8.34 -2.51
C LYS B 29 8.33 -9.07 -3.75
N VAL B 30 7.60 -10.09 -4.13
CA VAL B 30 7.91 -10.86 -5.34
C VAL B 30 7.65 -10.02 -6.58
N TYR B 31 6.66 -9.17 -6.49
CA TYR B 31 6.35 -8.25 -7.56
C TYR B 31 7.50 -7.26 -7.72
N CYS B 32 8.08 -6.85 -6.60
CA CYS B 32 9.22 -5.94 -6.60
C CYS B 32 10.48 -6.65 -7.07
N ALA B 33 10.46 -7.96 -7.00
CA ALA B 33 11.58 -8.75 -7.50
C ALA B 33 11.43 -8.95 -9.00
N LYS B 34 10.19 -9.18 -9.43
CA LYS B 34 9.88 -9.43 -10.83
C LYS B 34 10.09 -8.19 -11.67
N ASN B 35 9.61 -7.07 -11.16
CA ASN B 35 9.73 -5.81 -11.89
C ASN B 35 10.94 -5.05 -11.43
N ASN B 36 11.69 -5.65 -10.50
CA ASN B 36 12.83 -5.00 -9.86
C ASN B 36 12.43 -3.66 -9.23
N LEU B 37 11.14 -3.52 -8.90
CA LEU B 37 10.63 -2.33 -8.25
C LEU B 37 11.13 -2.21 -6.82
N GLN B 38 11.00 -1.02 -6.28
CA GLN B 38 11.26 -0.80 -4.87
C GLN B 38 10.00 -1.10 -4.09
N LEU B 39 10.15 -1.80 -2.98
CA LEU B 39 9.00 -2.14 -2.12
C LEU B 39 8.10 -0.93 -1.91
N THR B 40 8.71 0.20 -1.58
CA THR B 40 7.96 1.43 -1.34
C THR B 40 7.21 1.88 -2.58
N GLN B 41 7.91 1.94 -3.71
CA GLN B 41 7.31 2.36 -4.97
C GLN B 41 6.11 1.49 -5.32
N ALA B 42 6.21 0.21 -4.99
CA ALA B 42 5.14 -0.74 -5.23
C ALA B 42 3.96 -0.45 -4.32
N ILE B 43 4.22 -0.24 -3.03
CA ILE B 43 3.17 0.14 -2.09
C ILE B 43 2.46 1.40 -2.55
N GLU B 44 3.24 2.39 -2.96
CA GLU B 44 2.69 3.67 -3.41
C GLU B 44 1.81 3.48 -4.63
N GLU B 45 2.30 2.74 -5.61
CA GLU B 45 1.49 2.37 -6.77
C GLU B 45 0.28 1.58 -6.33
N ALA B 46 0.47 0.75 -5.31
CA ALA B 46 -0.62 -0.07 -4.79
C ALA B 46 -1.70 0.81 -4.21
N ILE B 47 -1.32 1.64 -3.27
CA ILE B 47 -2.23 2.52 -2.58
C ILE B 47 -2.78 3.58 -3.53
N LYS B 48 -2.01 3.94 -4.54
CA LYS B 48 -2.45 4.89 -5.54
C LYS B 48 -3.54 4.28 -6.42
N GLU B 49 -3.21 3.17 -7.09
CA GLU B 49 -4.18 2.47 -7.91
C GLU B 49 -5.35 1.94 -7.11
N TYR B 50 -5.18 1.93 -5.80
CA TYR B 50 -6.19 1.47 -4.89
C TYR B 50 -7.32 2.48 -4.79
N LEU B 51 -6.96 3.71 -4.47
CA LEU B 51 -7.93 4.78 -4.37
C LEU B 51 -8.70 4.95 -5.65
N GLN B 52 -8.03 4.78 -6.77
CA GLN B 52 -8.67 4.95 -8.07
C GLN B 52 -9.48 3.71 -8.44
N LYS B 53 -9.08 2.56 -7.91
CA LYS B 53 -9.83 1.32 -8.11
C LYS B 53 -11.06 1.30 -7.23
N ARG B 54 -11.05 2.15 -6.22
CA ARG B 54 -12.09 2.13 -5.22
C ARG B 54 -13.00 3.34 -5.36
N ASN B 55 -12.46 4.52 -5.00
CA ASN B 55 -13.23 5.76 -5.01
C ASN B 55 -12.36 6.95 -4.58
N GLY B 56 -11.87 6.92 -3.35
CA GLY B 56 -11.11 8.04 -2.81
C GLY B 56 -11.96 8.92 -1.93
#